data_4IRX
#
_entry.id   4IRX
#
_cell.length_a   83.121
_cell.length_b   34.958
_cell.length_c   181.830
_cell.angle_alpha   90.00
_cell.angle_beta   102.60
_cell.angle_gamma   90.00
#
_symmetry.space_group_name_H-M   'C 1 2 1'
#
loop_
_entity.id
_entity.type
_entity.pdbx_description
1 polymer 'Sugar ABC transporter, periplasmic sugar-binding protein'
2 non-polymer 1,2,3,4,5,6-HEXAHYDROXY-CYCLOHEXANE
3 water water
#
_entity_poly.entity_id   1
_entity_poly.type   'polypeptide(L)'
_entity_poly.pdbx_seq_one_letter_code
;GLVPRGSH(MSE)EVVVSFNDLSQPFFVA(MSE)RRELEDEAAKLGVKVQVLDAQNNSSKQISDLQAAAVQGAKVVIVAP
TDSKALAGAADDLVEQGVAVISVDRNIAGGKTAVPHVGADNVAGGRA(MSE)ADWVVKTYPAGARVVVITNDPGSSSSIE
RVKGVHDGLAAGGPAFKIVTEQTANSKRDQALTVTQNILTS(MSE)RDTPPDVILCLNDD(MSE)A(MSE)GALEAVRAA
GLDSAKVKVIGFDAIPEALARIKAGE(MSE)VATVEQNPGLQIRTALRQAVDKIKSGAALKSVSLKPVLITSGNLTEASR
IGE(MSE)
;
_entity_poly.pdbx_strand_id   A,B
#
loop_
_chem_comp.id
_chem_comp.type
_chem_comp.name
_chem_comp.formula
INS non-polymer 1,2,3,4,5,6-HEXAHYDROXY-CYCLOHEXANE 'C6 H12 O6'
#
# COMPACT_ATOMS: atom_id res chain seq x y z
N GLY A 1 -16.09 2.60 44.39
CA GLY A 1 -15.04 1.69 44.82
C GLY A 1 -13.84 2.41 45.41
N LEU A 2 -14.09 3.59 45.95
CA LEU A 2 -13.04 4.44 46.52
C LEU A 2 -12.65 3.99 47.93
N VAL A 3 -11.40 4.19 48.31
CA VAL A 3 -11.02 4.06 49.71
C VAL A 3 -10.53 5.41 50.23
N PRO A 4 -10.46 5.58 51.57
CA PRO A 4 -10.04 6.88 52.09
C PRO A 4 -8.64 7.30 51.66
N ARG A 5 -8.47 8.59 51.42
CA ARG A 5 -7.17 9.16 51.14
C ARG A 5 -6.24 9.10 52.34
N GLY A 6 -4.99 8.75 52.12
CA GLY A 6 -3.98 8.75 53.19
C GLY A 6 -3.07 9.96 53.16
N SER A 7 -3.08 10.71 52.05
CA SER A 7 -2.30 11.92 51.90
C SER A 7 -2.79 12.73 50.73
N HIS A 8 -2.12 13.84 50.44
CA HIS A 8 -2.48 14.65 49.28
C HIS A 8 -1.98 14.06 47.97
N MSE A 9 -1.02 13.15 48.05
CA MSE A 9 -0.43 12.57 46.84
C MSE A 9 -1.27 11.39 46.36
O MSE A 9 -0.84 10.24 46.44
CB MSE A 9 1.03 12.21 47.09
CG MSE A 9 1.97 13.43 47.02
SE MSE A 9 2.20 14.25 45.26
CE MSE A 9 3.39 12.92 44.48
N GLU A 10 -2.48 11.73 45.90
CA GLU A 10 -3.47 10.79 45.40
C GLU A 10 -4.22 11.45 44.28
N VAL A 11 -4.50 10.66 43.24
CA VAL A 11 -5.28 11.14 42.11
C VAL A 11 -6.35 10.09 41.79
N VAL A 12 -7.54 10.55 41.47
CA VAL A 12 -8.60 9.64 41.02
C VAL A 12 -8.59 9.66 39.51
N VAL A 13 -8.62 8.47 38.92
CA VAL A 13 -8.65 8.29 37.48
C VAL A 13 -9.89 7.50 37.11
N SER A 14 -10.78 8.16 36.40
CA SER A 14 -12.05 7.58 35.98
C SER A 14 -12.05 7.19 34.50
N PHE A 15 -12.09 5.89 34.22
CA PHE A 15 -12.10 5.39 32.84
C PHE A 15 -13.51 5.18 32.36
N ASN A 16 -13.76 5.44 31.09
CA ASN A 16 -15.09 5.18 30.53
C ASN A 16 -15.52 3.72 30.53
N ASP A 17 -14.61 2.80 30.19
CA ASP A 17 -14.94 1.39 30.08
C ASP A 17 -13.65 0.58 30.04
N LEU A 18 -13.32 -0.05 31.17
CA LEU A 18 -12.09 -0.84 31.27
C LEU A 18 -12.23 -2.26 30.71
N SER A 19 -13.32 -2.52 30.01
CA SER A 19 -13.38 -3.74 29.20
C SER A 19 -12.76 -3.54 27.80
N GLN A 20 -12.38 -2.29 27.47
CA GLN A 20 -11.74 -2.03 26.17
C GLN A 20 -10.26 -2.28 26.27
N PRO A 21 -9.71 -3.09 25.35
CA PRO A 21 -8.27 -3.42 25.36
C PRO A 21 -7.36 -2.22 25.34
N PHE A 22 -7.73 -1.18 24.59
CA PHE A 22 -6.92 0.03 24.53
C PHE A 22 -6.76 0.61 25.92
N PHE A 23 -7.83 0.61 26.70
CA PHE A 23 -7.80 1.24 28.02
C PHE A 23 -7.17 0.34 29.10
N VAL A 24 -7.32 -0.97 28.98
CA VAL A 24 -6.58 -1.89 29.83
C VAL A 24 -5.09 -1.59 29.69
N ALA A 25 -4.62 -1.43 28.45
CA ALA A 25 -3.21 -1.15 28.23
C ALA A 25 -2.83 0.21 28.79
N MSE A 26 -3.70 1.21 28.61
CA MSE A 26 -3.45 2.54 29.15
C MSE A 26 -3.32 2.50 30.67
O MSE A 26 -2.44 3.12 31.24
CB MSE A 26 -4.56 3.53 28.75
CG MSE A 26 -4.33 4.99 29.24
SE MSE A 26 -5.62 6.32 28.70
CE MSE A 26 -5.05 6.65 26.88
N ARG A 27 -4.18 1.72 31.33
CA ARG A 27 -4.12 1.59 32.79
C ARG A 27 -2.79 1.03 33.26
N ARG A 28 -2.21 0.12 32.51
CA ARG A 28 -0.88 -0.38 32.88
C ARG A 28 0.18 0.70 32.90
N GLU A 29 0.14 1.60 31.91
CA GLU A 29 1.13 2.67 31.86
C GLU A 29 0.87 3.65 33.00
N LEU A 30 -0.41 3.86 33.30
CA LEU A 30 -0.79 4.73 34.41
CA LEU A 30 -0.84 4.70 34.41
C LEU A 30 -0.21 4.22 35.72
N GLU A 31 -0.31 2.92 35.97
CA GLU A 31 0.18 2.35 37.22
C GLU A 31 1.69 2.47 37.36
N ASP A 32 2.43 2.30 36.24
CA ASP A 32 3.90 2.48 36.26
C ASP A 32 4.25 3.91 36.62
N GLU A 33 3.65 4.84 35.89
CA GLU A 33 3.95 6.25 36.14
C GLU A 33 3.56 6.66 37.55
N ALA A 34 2.46 6.11 38.06
CA ALA A 34 2.01 6.50 39.40
C ALA A 34 3.03 6.08 40.45
N ALA A 35 3.56 4.86 40.31
CA ALA A 35 4.62 4.39 41.20
C ALA A 35 5.82 5.32 41.13
N LYS A 36 6.29 5.59 39.92
CA LYS A 36 7.46 6.46 39.72
C LYS A 36 7.28 7.85 40.30
N LEU A 37 6.06 8.36 40.28
CA LEU A 37 5.80 9.71 40.77
C LEU A 37 5.46 9.73 42.27
N GLY A 38 5.38 8.57 42.90
CA GLY A 38 5.02 8.49 44.30
C GLY A 38 3.61 8.94 44.57
N VAL A 39 2.71 8.69 43.63
CA VAL A 39 1.32 9.08 43.81
C VAL A 39 0.42 7.84 43.81
N LYS A 40 -0.54 7.81 44.73
CA LYS A 40 -1.51 6.74 44.70
C LYS A 40 -2.59 7.09 43.68
N VAL A 41 -2.91 6.16 42.78
CA VAL A 41 -4.03 6.37 41.89
C VAL A 41 -5.19 5.46 42.28
N GLN A 42 -6.37 6.04 42.37
CA GLN A 42 -7.55 5.22 42.57
C GLN A 42 -8.28 5.17 41.25
N VAL A 43 -8.40 3.96 40.70
CA VAL A 43 -8.95 3.78 39.35
C VAL A 43 -10.38 3.33 39.40
N LEU A 44 -11.27 4.08 38.73
CA LEU A 44 -12.68 3.76 38.71
C LEU A 44 -13.08 3.42 37.28
N ASP A 45 -13.93 2.41 37.13
CA ASP A 45 -14.44 1.98 35.83
C ASP A 45 -15.90 2.39 35.71
N ALA A 46 -16.21 3.24 34.74
CA ALA A 46 -17.60 3.66 34.53
C ALA A 46 -18.46 2.61 33.86
N GLN A 47 -17.83 1.54 33.37
CA GLN A 47 -18.58 0.44 32.77
C GLN A 47 -19.52 0.97 31.68
N ASN A 48 -19.02 1.93 30.90
CA ASN A 48 -19.78 2.60 29.84
C ASN A 48 -21.12 3.18 30.27
N ASN A 49 -21.18 3.66 31.50
CA ASN A 49 -22.41 4.21 32.05
C ASN A 49 -22.15 5.62 32.57
N SER A 50 -22.71 6.62 31.91
CA SER A 50 -22.46 8.02 32.25
CA SER A 50 -22.45 8.02 32.25
C SER A 50 -22.94 8.36 33.65
N SER A 51 -24.06 7.75 34.05
CA SER A 51 -24.59 8.02 35.37
C SER A 51 -23.65 7.52 36.45
N LYS A 52 -23.06 6.34 36.25
CA LYS A 52 -22.11 5.80 37.21
C LYS A 52 -20.86 6.67 37.27
N GLN A 53 -20.38 7.07 36.11
CA GLN A 53 -19.18 7.90 36.08
C GLN A 53 -19.42 9.22 36.83
N ILE A 54 -20.56 9.87 36.58
CA ILE A 54 -20.93 11.11 37.27
C ILE A 54 -20.99 10.91 38.79
N SER A 55 -21.63 9.82 39.23
CA SER A 55 -21.71 9.55 40.66
C SER A 55 -20.35 9.19 41.27
N ASP A 56 -19.52 8.46 40.52
CA ASP A 56 -18.13 8.18 40.91
C ASP A 56 -17.34 9.47 41.15
N LEU A 57 -17.48 10.41 40.22
CA LEU A 57 -16.78 11.69 40.28
C LEU A 57 -17.26 12.53 41.46
N GLN A 58 -18.57 12.56 41.67
CA GLN A 58 -19.14 13.27 42.82
C GLN A 58 -18.61 12.68 44.13
N ALA A 59 -18.54 11.36 44.20
CA ALA A 59 -18.05 10.70 45.40
C ALA A 59 -16.58 11.00 45.66
N ALA A 60 -15.79 11.02 44.60
CA ALA A 60 -14.38 11.33 44.73
C ALA A 60 -14.20 12.73 45.32
N ALA A 61 -15.03 13.66 44.88
CA ALA A 61 -14.95 15.04 45.38
C ALA A 61 -15.35 15.11 46.84
N VAL A 62 -16.45 14.44 47.19
CA VAL A 62 -16.88 14.37 48.60
C VAL A 62 -15.78 13.83 49.51
N GLN A 63 -15.03 12.85 49.02
CA GLN A 63 -14.00 12.21 49.81
C GLN A 63 -12.61 12.87 49.71
N GLY A 64 -12.53 14.02 49.05
CA GLY A 64 -11.32 14.82 49.15
C GLY A 64 -10.39 14.87 47.97
N ALA A 65 -10.74 14.20 46.88
CA ALA A 65 -9.94 14.30 45.67
C ALA A 65 -9.75 15.75 45.26
N LYS A 66 -8.53 16.11 44.89
CA LYS A 66 -8.26 17.49 44.47
C LYS A 66 -7.90 17.57 42.99
N VAL A 67 -7.50 16.43 42.39
CA VAL A 67 -7.36 16.34 40.94
C VAL A 67 -7.96 15.04 40.46
N VAL A 68 -8.75 15.11 39.40
CA VAL A 68 -9.34 13.93 38.79
C VAL A 68 -8.97 13.92 37.33
N ILE A 69 -8.54 12.77 36.83
CA ILE A 69 -8.29 12.57 35.41
C ILE A 69 -9.44 11.74 34.89
N VAL A 70 -10.10 12.22 33.85
CA VAL A 70 -11.30 11.54 33.37
CA VAL A 70 -11.33 11.59 33.36
C VAL A 70 -11.27 11.28 31.87
N ALA A 71 -11.60 10.04 31.50
CA ALA A 71 -11.93 9.71 30.11
C ALA A 71 -13.44 9.57 30.09
N PRO A 72 -14.16 10.65 29.69
CA PRO A 72 -15.62 10.63 29.85
C PRO A 72 -16.29 9.62 28.92
N THR A 73 -17.33 8.94 29.39
CA THR A 73 -18.13 8.05 28.54
C THR A 73 -18.75 8.80 27.37
N ASP A 74 -19.14 10.04 27.61
CA ASP A 74 -19.72 10.93 26.62
C ASP A 74 -19.19 12.35 26.90
N SER A 75 -18.59 12.94 25.89
CA SER A 75 -17.88 14.21 26.04
C SER A 75 -18.76 15.36 26.47
N LYS A 76 -20.00 15.39 25.98
CA LYS A 76 -20.95 16.43 26.38
C LYS A 76 -21.65 16.13 27.70
N ALA A 77 -21.97 14.86 27.93
CA ALA A 77 -22.74 14.45 29.10
C ALA A 77 -22.02 14.65 30.43
N LEU A 78 -20.70 14.71 30.38
CA LEU A 78 -19.91 14.87 31.59
C LEU A 78 -19.56 16.33 31.88
N ALA A 79 -20.01 17.25 31.04
CA ALA A 79 -19.68 18.67 31.21
C ALA A 79 -20.22 19.24 32.52
N GLY A 80 -21.42 18.82 32.90
CA GLY A 80 -22.04 19.26 34.14
C GLY A 80 -21.26 18.81 35.37
N ALA A 81 -20.84 17.55 35.38
CA ALA A 81 -20.04 17.03 36.47
C ALA A 81 -18.70 17.76 36.56
N ALA A 82 -18.08 18.01 35.42
CA ALA A 82 -16.79 18.70 35.43
C ALA A 82 -16.94 20.10 36.01
N ASP A 83 -17.97 20.84 35.58
CA ASP A 83 -18.23 22.16 36.12
C ASP A 83 -18.47 22.11 37.63
N ASP A 84 -19.21 21.12 38.10
CA ASP A 84 -19.49 21.00 39.53
C ASP A 84 -18.21 20.73 40.31
N LEU A 85 -17.38 19.82 39.79
CA LEU A 85 -16.12 19.52 40.46
CA LEU A 85 -16.09 19.51 40.41
C LEU A 85 -15.22 20.75 40.54
N VAL A 86 -15.10 21.50 39.44
CA VAL A 86 -14.29 22.72 39.43
C VAL A 86 -14.79 23.76 40.44
N GLU A 87 -16.10 23.94 40.49
CA GLU A 87 -16.71 24.86 41.45
C GLU A 87 -16.43 24.47 42.91
N GLN A 88 -16.24 23.19 43.18
CA GLN A 88 -15.88 22.69 44.50
C GLN A 88 -14.37 22.76 44.74
N GLY A 89 -13.61 23.23 43.76
CA GLY A 89 -12.17 23.30 43.91
C GLY A 89 -11.43 22.00 43.58
N VAL A 90 -12.07 21.14 42.79
CA VAL A 90 -11.39 19.93 42.29
C VAL A 90 -10.95 20.20 40.86
N ALA A 91 -9.66 20.07 40.60
CA ALA A 91 -9.15 20.26 39.24
C ALA A 91 -9.49 19.02 38.40
N VAL A 92 -9.92 19.28 37.17
CA VAL A 92 -10.27 18.21 36.23
C VAL A 92 -9.44 18.32 34.96
N ILE A 93 -8.89 17.18 34.54
CA ILE A 93 -8.24 17.09 33.25
C ILE A 93 -8.79 15.85 32.53
N SER A 94 -9.06 15.98 31.24
CA SER A 94 -9.55 14.85 30.47
C SER A 94 -8.39 14.17 29.75
N VAL A 95 -8.58 12.88 29.50
CA VAL A 95 -7.60 12.10 28.75
C VAL A 95 -8.32 11.29 27.68
N ASP A 96 -7.67 11.18 26.52
CA ASP A 96 -8.13 10.43 25.35
C ASP A 96 -9.26 11.07 24.57
N ARG A 97 -10.32 11.43 25.28
CA ARG A 97 -11.42 12.22 24.71
C ARG A 97 -11.75 13.37 25.65
N ASN A 98 -12.30 14.43 25.09
CA ASN A 98 -12.46 15.66 25.86
C ASN A 98 -13.80 15.78 26.57
N ILE A 99 -13.93 16.83 27.38
CA ILE A 99 -15.21 17.22 27.94
C ILE A 99 -15.51 18.58 27.36
N ALA A 100 -16.73 18.76 26.84
CA ALA A 100 -17.05 19.97 26.10
C ALA A 100 -18.47 20.47 26.34
N GLY A 101 -18.65 21.77 26.21
CA GLY A 101 -19.98 22.36 26.25
C GLY A 101 -20.38 22.91 27.60
N GLY A 102 -19.45 22.87 28.56
CA GLY A 102 -19.75 23.41 29.88
C GLY A 102 -19.33 24.84 30.04
N LYS A 103 -19.51 25.33 31.26
CA LYS A 103 -19.16 26.68 31.66
C LYS A 103 -17.64 26.84 31.62
N THR A 104 -16.96 25.81 32.11
CA THR A 104 -15.51 25.85 32.25
C THR A 104 -14.82 25.10 31.13
N ALA A 105 -13.67 25.58 30.69
CA ALA A 105 -12.89 24.88 29.68
C ALA A 105 -12.05 23.84 30.43
N VAL A 106 -12.30 22.57 30.14
CA VAL A 106 -11.57 21.50 30.79
C VAL A 106 -10.32 21.17 29.98
N PRO A 107 -9.15 21.26 30.62
CA PRO A 107 -7.92 20.94 29.90
C PRO A 107 -7.95 19.47 29.47
N HIS A 108 -7.33 19.18 28.34
CA HIS A 108 -7.45 17.90 27.67
C HIS A 108 -6.12 17.42 27.14
N VAL A 109 -5.76 16.18 27.47
CA VAL A 109 -4.58 15.49 26.91
C VAL A 109 -5.09 14.36 26.04
N GLY A 110 -4.80 14.40 24.75
CA GLY A 110 -5.25 13.34 23.86
C GLY A 110 -4.54 13.40 22.53
N ALA A 111 -4.90 12.48 21.65
CA ALA A 111 -4.43 12.57 20.29
C ALA A 111 -5.22 13.61 19.52
N ASP A 112 -4.58 14.14 18.48
CA ASP A 112 -5.24 14.96 17.47
C ASP A 112 -6.03 14.02 16.59
N ASN A 113 -7.29 13.85 16.95
CA ASN A 113 -8.09 12.80 16.30
C ASN A 113 -8.60 13.19 14.93
N VAL A 114 -8.79 14.49 14.71
CA VAL A 114 -9.06 14.97 13.35
C VAL A 114 -7.89 14.62 12.43
N ALA A 115 -6.66 14.90 12.86
CA ALA A 115 -5.51 14.54 12.05
C ALA A 115 -5.43 13.03 11.87
N GLY A 116 -5.79 12.27 12.90
CA GLY A 116 -5.79 10.80 12.77
C GLY A 116 -6.74 10.27 11.74
N GLY A 117 -7.99 10.78 11.78
CA GLY A 117 -8.98 10.39 10.80
C GLY A 117 -8.58 10.83 9.41
N ARG A 118 -8.02 12.03 9.30
CA ARG A 118 -7.57 12.55 8.02
C ARG A 118 -6.43 11.69 7.43
N ALA A 119 -5.53 11.20 8.27
CA ALA A 119 -4.47 10.29 7.81
C ALA A 119 -5.02 9.03 7.17
N MSE A 120 -6.05 8.46 7.80
CA MSE A 120 -6.71 7.27 7.22
C MSE A 120 -7.29 7.57 5.85
O MSE A 120 -7.11 6.81 4.91
CB MSE A 120 -7.86 6.83 8.14
CG MSE A 120 -7.46 6.48 9.56
SE MSE A 120 -9.00 6.02 10.65
CE MSE A 120 -9.03 4.08 10.34
N ALA A 121 -8.04 8.67 5.74
CA ALA A 121 -8.66 9.02 4.47
C ALA A 121 -7.61 9.37 3.41
N ASP A 122 -6.54 10.06 3.83
CA ASP A 122 -5.47 10.44 2.89
C ASP A 122 -4.81 9.19 2.35
N TRP A 123 -4.67 8.17 3.18
CA TRP A 123 -4.18 6.89 2.72
C TRP A 123 -5.07 6.30 1.62
N VAL A 124 -6.39 6.37 1.82
CA VAL A 124 -7.32 5.87 0.82
C VAL A 124 -7.14 6.63 -0.49
N VAL A 125 -7.06 7.97 -0.41
CA VAL A 125 -7.00 8.79 -1.62
C VAL A 125 -5.68 8.53 -2.36
N LYS A 126 -4.60 8.32 -1.63
CA LYS A 126 -3.32 8.04 -2.27
C LYS A 126 -3.31 6.66 -2.90
N THR A 127 -3.92 5.70 -2.23
CA THR A 127 -3.90 4.30 -2.64
C THR A 127 -4.88 4.00 -3.76
N TYR A 128 -5.95 4.80 -3.85
CA TYR A 128 -6.98 4.60 -4.86
C TYR A 128 -7.20 5.88 -5.65
N PRO A 129 -6.23 6.26 -6.50
CA PRO A 129 -6.39 7.60 -7.09
C PRO A 129 -7.54 7.76 -8.06
N ALA A 130 -8.14 6.66 -8.53
CA ALA A 130 -9.32 6.74 -9.41
C ALA A 130 -10.64 6.61 -8.62
N GLY A 131 -10.55 6.52 -7.32
CA GLY A 131 -11.74 6.39 -6.49
C GLY A 131 -11.80 5.05 -5.78
N ALA A 132 -12.72 4.93 -4.82
CA ALA A 132 -12.85 3.72 -4.02
C ALA A 132 -14.18 3.72 -3.33
N ARG A 133 -14.64 2.52 -2.99
CA ARG A 133 -15.84 2.34 -2.17
C ARG A 133 -15.40 2.05 -0.74
N VAL A 134 -15.82 2.90 0.21
CA VAL A 134 -15.36 2.89 1.58
C VAL A 134 -16.50 2.65 2.57
N VAL A 135 -16.24 1.79 3.54
CA VAL A 135 -17.14 1.58 4.68
C VAL A 135 -16.46 2.18 5.90
N VAL A 136 -17.20 2.93 6.72
CA VAL A 136 -16.64 3.50 7.94
C VAL A 136 -17.34 2.89 9.15
N ILE A 137 -16.56 2.27 10.03
CA ILE A 137 -17.08 1.67 11.27
C ILE A 137 -16.54 2.49 12.45
N THR A 138 -17.43 3.16 13.16
CA THR A 138 -17.02 4.16 14.16
C THR A 138 -16.94 3.60 15.58
N ASN A 139 -16.07 4.23 16.38
CA ASN A 139 -15.95 3.91 17.80
C ASN A 139 -16.96 4.70 18.66
N ASP A 140 -17.01 4.36 19.95
CA ASP A 140 -17.73 5.11 21.01
C ASP A 140 -18.43 6.42 20.56
N PRO A 141 -19.70 6.33 20.12
CA PRO A 141 -20.28 7.48 19.41
C PRO A 141 -20.38 8.80 20.17
N GLY A 142 -20.48 8.76 21.49
CA GLY A 142 -20.55 9.99 22.27
C GLY A 142 -19.20 10.62 22.59
N SER A 143 -18.13 9.93 22.24
CA SER A 143 -16.79 10.41 22.55
CA SER A 143 -16.80 10.44 22.57
C SER A 143 -16.30 11.45 21.53
N SER A 144 -15.64 12.52 22.00
CA SER A 144 -14.99 13.46 21.08
C SER A 144 -14.04 12.75 20.10
N SER A 145 -13.46 11.64 20.53
CA SER A 145 -12.51 10.95 19.67
C SER A 145 -13.20 10.38 18.44
N SER A 146 -14.41 9.85 18.62
CA SER A 146 -15.20 9.36 17.49
CA SER A 146 -15.21 9.35 17.50
C SER A 146 -15.62 10.50 16.59
N ILE A 147 -16.21 11.53 17.19
CA ILE A 147 -16.65 12.68 16.42
C ILE A 147 -15.52 13.30 15.59
N GLU A 148 -14.36 13.45 16.20
CA GLU A 148 -13.24 14.07 15.50
C GLU A 148 -12.56 13.15 14.48
N ARG A 149 -12.44 11.86 14.80
CA ARG A 149 -11.92 10.90 13.83
C ARG A 149 -12.79 10.85 12.60
N VAL A 150 -14.09 10.77 12.79
CA VAL A 150 -15.05 10.76 11.71
CA VAL A 150 -14.97 10.73 11.63
C VAL A 150 -14.90 12.03 10.85
N LYS A 151 -14.77 13.18 11.53
CA LYS A 151 -14.63 14.46 10.80
C LYS A 151 -13.39 14.43 9.89
N GLY A 152 -12.26 13.91 10.40
CA GLY A 152 -11.04 13.84 9.64
C GLY A 152 -11.18 12.92 8.42
N VAL A 153 -11.84 11.78 8.62
CA VAL A 153 -12.15 10.84 7.51
C VAL A 153 -13.02 11.51 6.44
N HIS A 154 -14.07 12.19 6.88
CA HIS A 154 -14.94 12.94 5.99
C HIS A 154 -14.16 13.99 5.23
N ASP A 155 -13.31 14.74 5.94
CA ASP A 155 -12.52 15.81 5.31
C ASP A 155 -11.67 15.24 4.14
N GLY A 156 -10.98 14.13 4.39
CA GLY A 156 -10.08 13.60 3.40
C GLY A 156 -10.82 12.99 2.21
N LEU A 157 -11.93 12.30 2.48
CA LEU A 157 -12.70 11.74 1.39
C LEU A 157 -13.46 12.81 0.59
N ALA A 158 -13.95 13.86 1.24
CA ALA A 158 -14.60 14.97 0.55
C ALA A 158 -13.57 15.64 -0.35
N ALA A 159 -12.34 15.76 0.15
CA ALA A 159 -11.28 16.36 -0.65
C ALA A 159 -10.95 15.54 -1.88
N GLY A 160 -11.07 14.22 -1.75
CA GLY A 160 -10.87 13.35 -2.89
C GLY A 160 -11.96 13.46 -3.93
N GLY A 161 -13.21 13.66 -3.49
CA GLY A 161 -14.30 13.92 -4.39
C GLY A 161 -15.27 12.78 -4.55
N PRO A 162 -16.24 12.91 -5.45
CA PRO A 162 -17.34 11.94 -5.55
C PRO A 162 -16.91 10.55 -5.97
N ALA A 163 -15.69 10.39 -6.46
CA ALA A 163 -15.22 9.05 -6.78
C ALA A 163 -14.88 8.25 -5.51
N PHE A 164 -14.75 8.94 -4.38
CA PHE A 164 -14.50 8.27 -3.09
C PHE A 164 -15.81 8.16 -2.35
N LYS A 165 -16.42 6.99 -2.39
CA LYS A 165 -17.79 6.88 -1.88
C LYS A 165 -17.84 6.28 -0.50
N ILE A 166 -18.49 6.98 0.43
CA ILE A 166 -18.79 6.40 1.73
C ILE A 166 -20.09 5.65 1.57
N VAL A 167 -19.98 4.34 1.34
CA VAL A 167 -21.14 3.51 1.02
C VAL A 167 -22.04 3.34 2.23
N THR A 168 -21.43 3.15 3.40
CA THR A 168 -22.19 3.26 4.64
CA THR A 168 -22.18 3.10 4.68
C THR A 168 -21.26 3.61 5.78
N GLU A 169 -21.82 4.28 6.77
CA GLU A 169 -21.08 4.64 7.98
C GLU A 169 -21.92 4.20 9.16
N GLN A 170 -21.37 3.31 10.01
CA GLN A 170 -22.12 2.75 11.12
C GLN A 170 -21.22 2.61 12.32
N THR A 171 -21.79 2.64 13.51
CA THR A 171 -20.99 2.39 14.70
C THR A 171 -20.99 0.93 15.08
N ALA A 172 -19.89 0.48 15.68
CA ALA A 172 -19.88 -0.77 16.39
C ALA A 172 -19.53 -0.58 17.87
N ASN A 173 -19.64 0.66 18.36
CA ASN A 173 -19.61 0.96 19.79
C ASN A 173 -18.33 0.48 20.49
N SER A 174 -17.23 0.43 19.73
CA SER A 174 -15.93 -0.02 20.26
C SER A 174 -15.99 -1.45 20.81
N LYS A 175 -16.75 -2.30 20.14
CA LYS A 175 -16.85 -3.69 20.53
C LYS A 175 -16.54 -4.62 19.37
N ARG A 176 -15.64 -5.56 19.58
CA ARG A 176 -15.24 -6.48 18.53
C ARG A 176 -16.41 -7.35 18.07
N ASP A 177 -17.26 -7.78 19.01
CA ASP A 177 -18.40 -8.63 18.66
C ASP A 177 -19.42 -7.91 17.78
N GLN A 178 -19.69 -6.64 18.07
CA GLN A 178 -20.56 -5.84 17.22
C GLN A 178 -19.89 -5.55 15.88
N ALA A 179 -18.61 -5.28 15.91
CA ALA A 179 -17.89 -5.08 14.67
C ALA A 179 -18.04 -6.26 13.71
N LEU A 180 -18.02 -7.48 14.23
CA LEU A 180 -18.15 -8.65 13.35
C LEU A 180 -19.53 -8.65 12.67
N THR A 181 -20.58 -8.54 13.44
CA THR A 181 -21.91 -8.68 12.87
C THR A 181 -22.30 -7.45 12.06
N VAL A 182 -21.93 -6.26 12.53
CA VAL A 182 -22.22 -5.05 11.79
C VAL A 182 -21.52 -5.11 10.41
N THR A 183 -20.26 -5.50 10.40
CA THR A 183 -19.51 -5.63 9.14
C THR A 183 -20.08 -6.72 8.23
N GLN A 184 -20.45 -7.85 8.83
CA GLN A 184 -21.08 -8.91 8.04
C GLN A 184 -22.33 -8.42 7.31
N ASN A 185 -23.18 -7.70 8.03
CA ASN A 185 -24.43 -7.25 7.44
C ASN A 185 -24.17 -6.22 6.34
N ILE A 186 -23.17 -5.36 6.54
CA ILE A 186 -22.79 -4.39 5.51
C ILE A 186 -22.28 -5.13 4.28
N LEU A 187 -21.43 -6.13 4.49
CA LEU A 187 -20.92 -6.91 3.34
C LEU A 187 -22.05 -7.60 2.59
N THR A 188 -23.01 -8.15 3.32
CA THR A 188 -24.14 -8.82 2.69
C THR A 188 -24.95 -7.84 1.85
N SER A 189 -25.14 -6.63 2.37
CA SER A 189 -25.89 -5.59 1.65
C SER A 189 -25.22 -5.14 0.36
N MSE A 190 -23.92 -5.35 0.23
CA MSE A 190 -23.20 -4.96 -0.97
CA MSE A 190 -23.27 -4.99 -1.05
C MSE A 190 -22.42 -6.14 -1.59
O MSE A 190 -21.34 -5.94 -2.14
CB MSE A 190 -22.27 -3.72 -0.70
CB MSE A 190 -22.43 -3.74 -0.90
CG MSE A 190 -21.61 -3.53 0.72
CG MSE A 190 -21.36 -3.94 0.09
SE MSE A 190 -20.59 -1.84 1.25
SE MSE A 190 -20.46 -2.28 0.51
CE MSE A 190 -19.53 -1.48 -0.39
CE MSE A 190 -21.96 -1.27 1.31
N ARG A 191 -22.96 -7.34 -1.49
CA ARG A 191 -22.18 -8.50 -1.88
C ARG A 191 -21.86 -8.55 -3.37
N ASP A 192 -22.64 -7.85 -4.17
CA ASP A 192 -22.37 -7.81 -5.60
C ASP A 192 -21.31 -6.75 -5.93
N THR A 193 -21.07 -5.83 -5.01
CA THR A 193 -20.04 -4.81 -5.19
C THR A 193 -19.34 -4.52 -3.86
N PRO A 194 -18.47 -5.45 -3.41
CA PRO A 194 -17.84 -5.29 -2.10
C PRO A 194 -16.99 -4.03 -2.00
N PRO A 195 -16.83 -3.52 -0.77
CA PRO A 195 -16.05 -2.29 -0.61
C PRO A 195 -14.59 -2.55 -0.87
N ASP A 196 -13.89 -1.49 -1.22
CA ASP A 196 -12.44 -1.55 -1.33
C ASP A 196 -11.74 -1.45 0.02
N VAL A 197 -12.30 -0.64 0.91
CA VAL A 197 -11.67 -0.31 2.16
C VAL A 197 -12.72 -0.25 3.26
N ILE A 198 -12.39 -0.86 4.40
CA ILE A 198 -13.17 -0.71 5.62
C ILE A 198 -12.27 0.05 6.61
N LEU A 199 -12.66 1.28 6.89
CA LEU A 199 -11.95 2.12 7.86
C LEU A 199 -12.59 1.93 9.23
N CYS A 200 -11.84 1.34 10.15
CA CYS A 200 -12.36 1.05 11.48
C CYS A 200 -11.67 1.96 12.47
N LEU A 201 -12.47 2.61 13.31
CA LEU A 201 -11.92 3.66 14.16
C LEU A 201 -11.35 3.15 15.49
N ASN A 202 -11.23 1.83 15.64
CA ASN A 202 -10.26 1.26 16.57
C ASN A 202 -9.83 -0.13 16.11
N ASP A 203 -8.74 -0.61 16.68
CA ASP A 203 -8.16 -1.89 16.24
C ASP A 203 -8.98 -3.08 16.71
N ASP A 204 -9.61 -2.97 17.87
CA ASP A 204 -10.48 -4.04 18.40
C ASP A 204 -11.60 -4.34 17.40
N MSE A 205 -12.24 -3.28 16.90
CA MSE A 205 -13.27 -3.43 15.88
C MSE A 205 -12.68 -3.88 14.57
O MSE A 205 -13.31 -4.66 13.85
CB MSE A 205 -14.03 -2.11 15.67
CG MSE A 205 -14.88 -1.68 16.88
SE MSE A 205 -15.92 -0.09 16.52
CE MSE A 205 -14.47 1.13 16.08
N ALA A 206 -11.51 -3.37 14.19
CA ALA A 206 -10.83 -3.81 12.98
C ALA A 206 -10.60 -5.30 12.95
N MSE A 207 -10.31 -5.90 14.10
CA MSE A 207 -10.16 -7.36 14.18
C MSE A 207 -11.46 -8.05 13.81
O MSE A 207 -11.47 -9.00 13.03
CB MSE A 207 -9.66 -7.76 15.56
CG MSE A 207 -8.30 -7.17 15.88
SE MSE A 207 -6.84 -7.69 14.75
CE MSE A 207 -7.10 -9.61 14.85
N GLY A 208 -12.58 -7.54 14.34
CA GLY A 208 -13.89 -8.03 13.93
C GLY A 208 -14.20 -7.88 12.46
N ALA A 209 -13.84 -6.73 11.89
CA ALA A 209 -14.08 -6.53 10.48
C ALA A 209 -13.22 -7.45 9.63
N LEU A 210 -11.97 -7.66 10.04
CA LEU A 210 -11.12 -8.64 9.33
C LEU A 210 -11.79 -10.02 9.32
N GLU A 211 -12.34 -10.40 10.47
CA GLU A 211 -13.01 -11.70 10.58
C GLU A 211 -14.24 -11.75 9.69
N ALA A 212 -15.03 -10.66 9.65
CA ALA A 212 -16.19 -10.62 8.76
C ALA A 212 -15.77 -10.80 7.29
N VAL A 213 -14.67 -10.16 6.90
CA VAL A 213 -14.16 -10.30 5.55
C VAL A 213 -13.79 -11.75 5.24
N ARG A 214 -13.13 -12.43 6.18
CA ARG A 214 -12.83 -13.85 6.03
C ARG A 214 -14.07 -14.71 6.03
N ALA A 215 -15.00 -14.44 6.95
CA ALA A 215 -16.23 -15.21 7.03
C ALA A 215 -17.03 -15.12 5.73
N ALA A 216 -16.87 -14.01 5.01
CA ALA A 216 -17.61 -13.78 3.76
C ALA A 216 -16.92 -14.39 2.56
N GLY A 217 -15.79 -15.03 2.77
CA GLY A 217 -15.06 -15.64 1.67
C GLY A 217 -14.37 -14.60 0.83
N LEU A 218 -14.14 -13.42 1.40
CA LEU A 218 -13.49 -12.35 0.65
C LEU A 218 -12.00 -12.31 0.91
N ASP A 219 -11.31 -11.61 0.02
CA ASP A 219 -9.85 -11.54 0.06
C ASP A 219 -9.34 -10.25 0.71
N SER A 220 -8.56 -10.40 1.76
CA SER A 220 -8.12 -9.23 2.53
C SER A 220 -7.22 -8.30 1.72
N ALA A 221 -6.73 -8.78 0.58
CA ALA A 221 -5.98 -7.95 -0.35
C ALA A 221 -6.91 -7.03 -1.18
N LYS A 222 -8.15 -7.45 -1.42
CA LYS A 222 -9.10 -6.70 -2.22
C LYS A 222 -10.07 -5.88 -1.36
N VAL A 223 -10.35 -6.37 -0.17
CA VAL A 223 -11.16 -5.64 0.80
C VAL A 223 -10.19 -5.33 1.94
N LYS A 224 -9.69 -4.10 1.96
CA LYS A 224 -8.65 -3.70 2.87
C LYS A 224 -9.17 -3.10 4.15
N VAL A 225 -8.55 -3.47 5.26
CA VAL A 225 -9.00 -3.00 6.57
C VAL A 225 -7.92 -2.13 7.21
N ILE A 226 -8.32 -0.95 7.69
CA ILE A 226 -7.45 -0.03 8.39
C ILE A 226 -8.04 0.21 9.75
N GLY A 227 -7.19 0.19 10.77
CA GLY A 227 -7.64 0.42 12.13
C GLY A 227 -7.04 1.69 12.73
N PHE A 228 -7.11 1.73 14.05
CA PHE A 228 -6.65 2.87 14.83
C PHE A 228 -6.31 2.31 16.20
N ASP A 229 -5.11 2.62 16.70
CA ASP A 229 -4.62 2.33 18.09
C ASP A 229 -3.25 1.69 18.10
N ALA A 230 -2.89 0.98 17.04
CA ALA A 230 -1.63 0.23 16.98
C ALA A 230 -1.47 -0.75 18.15
N ILE A 231 -2.54 -1.49 18.47
CA ILE A 231 -2.41 -2.51 19.50
C ILE A 231 -1.61 -3.67 18.90
N PRO A 232 -0.91 -4.44 19.76
CA PRO A 232 -0.02 -5.49 19.22
C PRO A 232 -0.70 -6.50 18.31
N GLU A 233 -1.96 -6.84 18.59
CA GLU A 233 -2.69 -7.79 17.76
C GLU A 233 -2.83 -7.25 16.34
N ALA A 234 -3.10 -5.96 16.21
CA ALA A 234 -3.20 -5.34 14.89
C ALA A 234 -1.84 -5.28 14.20
N LEU A 235 -0.81 -4.94 14.97
CA LEU A 235 0.55 -4.90 14.42
C LEU A 235 0.92 -6.26 13.80
N ALA A 236 0.55 -7.34 14.47
CA ALA A 236 0.80 -8.69 13.96
C ALA A 236 0.06 -8.96 12.66
N ARG A 237 -1.18 -8.48 12.55
CA ARG A 237 -1.92 -8.62 11.31
C ARG A 237 -1.32 -7.83 10.16
N ILE A 238 -0.73 -6.67 10.48
CA ILE A 238 -0.06 -5.89 9.46
C ILE A 238 1.22 -6.61 9.04
N LYS A 239 1.96 -7.14 10.01
CA LYS A 239 3.16 -7.94 9.70
C LYS A 239 2.81 -9.13 8.80
N ALA A 240 1.65 -9.75 9.05
CA ALA A 240 1.19 -10.91 8.27
C ALA A 240 0.64 -10.56 6.90
N GLY A 241 0.36 -9.29 6.65
CA GLY A 241 -0.18 -8.88 5.35
C GLY A 241 -1.69 -9.00 5.28
N GLU A 242 -2.35 -9.13 6.42
CA GLU A 242 -3.80 -9.26 6.47
C GLU A 242 -4.49 -7.90 6.63
N MSE A 243 -3.87 -7.03 7.42
CA MSE A 243 -4.37 -5.68 7.66
CA MSE A 243 -4.37 -5.69 7.65
C MSE A 243 -3.36 -4.73 7.04
O MSE A 243 -2.17 -4.99 7.06
CB MSE A 243 -4.47 -5.40 9.15
CB MSE A 243 -4.46 -5.44 9.16
CG MSE A 243 -5.84 -4.95 9.62
CG MSE A 243 -5.03 -4.10 9.55
SE MSE A 243 -5.89 -4.71 11.54
SE MSE A 243 -4.84 -3.79 11.45
CE MSE A 243 -4.66 -3.19 11.64
CE MSE A 243 -6.10 -5.11 12.12
N VAL A 244 -3.82 -3.60 6.48
CA VAL A 244 -2.89 -2.73 5.77
C VAL A 244 -2.24 -1.65 6.66
N ALA A 245 -2.99 -1.14 7.62
CA ALA A 245 -2.51 -0.01 8.39
C ALA A 245 -3.27 0.16 9.66
N THR A 246 -2.66 0.88 10.59
CA THR A 246 -3.35 1.34 11.79
C THR A 246 -2.77 2.72 12.12
N VAL A 247 -3.15 3.27 13.26
CA VAL A 247 -2.70 4.61 13.61
C VAL A 247 -2.17 4.59 15.02
N GLU A 248 -0.94 5.07 15.20
CA GLU A 248 -0.34 5.24 16.51
C GLU A 248 -0.76 6.56 17.13
N GLN A 249 -1.26 6.50 18.36
CA GLN A 249 -1.69 7.70 19.08
C GLN A 249 -1.05 7.86 20.46
N ASN A 250 -0.05 7.02 20.75
CA ASN A 250 0.74 7.17 22.00
C ASN A 250 -0.07 7.28 23.29
N PRO A 251 -0.90 6.28 23.58
CA PRO A 251 -1.72 6.32 24.80
C PRO A 251 -0.89 6.30 26.07
N GLY A 252 0.27 5.66 26.08
CA GLY A 252 1.12 5.71 27.27
C GLY A 252 1.50 7.15 27.57
N LEU A 253 1.95 7.85 26.53
CA LEU A 253 2.33 9.25 26.72
C LEU A 253 1.14 10.13 27.13
N GLN A 254 -0.05 9.88 26.58
CA GLN A 254 -1.23 10.63 27.01
C GLN A 254 -1.45 10.53 28.50
N ILE A 255 -1.50 9.31 29.00
CA ILE A 255 -1.86 9.09 30.40
C ILE A 255 -0.75 9.54 31.32
N ARG A 256 0.50 9.33 30.91
CA ARG A 256 1.63 9.76 31.71
C ARG A 256 1.66 11.28 31.80
N THR A 257 1.34 11.96 30.70
CA THR A 257 1.34 13.42 30.69
C THR A 257 0.23 13.96 31.59
N ALA A 258 -0.95 13.36 31.52
CA ALA A 258 -2.02 13.81 32.42
C ALA A 258 -1.63 13.63 33.90
N LEU A 259 -1.05 12.50 34.24
CA LEU A 259 -0.66 12.25 35.62
C LEU A 259 0.47 13.18 36.07
N ARG A 260 1.44 13.43 35.20
CA ARG A 260 2.53 14.36 35.52
C ARG A 260 2.01 15.76 35.81
N GLN A 261 1.08 16.23 34.99
CA GLN A 261 0.43 17.50 35.26
C GLN A 261 -0.34 17.46 36.58
N ALA A 262 -1.06 16.38 36.84
CA ALA A 262 -1.79 16.26 38.11
C ALA A 262 -0.88 16.38 39.32
N VAL A 263 0.29 15.75 39.26
CA VAL A 263 1.21 15.76 40.38
C VAL A 263 1.80 17.15 40.59
N ASP A 264 2.09 17.85 39.50
CA ASP A 264 2.59 19.22 39.59
C ASP A 264 1.50 20.15 40.12
N LYS A 265 0.25 19.89 39.75
CA LYS A 265 -0.85 20.67 40.33
C LYS A 265 -0.89 20.47 41.85
N ILE A 266 -0.77 19.21 42.30
CA ILE A 266 -0.77 18.93 43.74
C ILE A 266 0.43 19.53 44.49
N LYS A 267 1.62 19.42 43.92
CA LYS A 267 2.83 19.88 44.60
C LYS A 267 2.94 21.40 44.65
N SER A 268 2.57 22.09 43.58
CA SER A 268 2.88 23.53 43.46
C SER A 268 1.75 24.40 42.94
N GLY A 269 0.60 23.82 42.64
CA GLY A 269 -0.50 24.57 42.08
C GLY A 269 -0.34 24.91 40.61
N ALA A 270 0.61 24.28 39.94
CA ALA A 270 0.82 24.52 38.52
C ALA A 270 -0.44 24.25 37.72
N ALA A 271 -0.70 25.10 36.74
CA ALA A 271 -1.92 25.03 35.95
C ALA A 271 -1.91 23.78 35.07
N LEU A 272 -3.07 23.16 34.95
CA LEU A 272 -3.28 22.05 34.00
C LEU A 272 -3.48 22.64 32.62
N LYS A 273 -2.88 22.04 31.60
CA LYS A 273 -2.88 22.63 30.27
C LYS A 273 -3.17 21.55 29.22
N SER A 274 -3.87 21.93 28.15
CA SER A 274 -4.16 20.96 27.08
C SER A 274 -2.91 20.58 26.27
N VAL A 275 -2.84 19.32 25.87
CA VAL A 275 -1.76 18.83 25.04
C VAL A 275 -2.39 17.90 23.99
N SER A 276 -2.11 18.16 22.71
CA SER A 276 -2.59 17.32 21.60
C SER A 276 -1.41 16.61 20.96
N LEU A 277 -1.47 15.28 20.90
CA LEU A 277 -0.36 14.53 20.31
C LEU A 277 -0.62 14.19 18.86
N LYS A 278 0.39 14.33 18.01
CA LYS A 278 0.24 14.02 16.58
C LYS A 278 0.25 12.52 16.36
N PRO A 279 -0.80 12.00 15.71
CA PRO A 279 -0.82 10.57 15.39
C PRO A 279 0.03 10.27 14.18
N VAL A 280 0.40 9.00 14.03
CA VAL A 280 1.22 8.57 12.91
C VAL A 280 0.60 7.31 12.31
N LEU A 281 0.43 7.30 10.99
CA LEU A 281 -0.04 6.09 10.30
C LEU A 281 1.05 5.01 10.32
N ILE A 282 0.66 3.79 10.68
CA ILE A 282 1.56 2.65 10.78
C ILE A 282 1.22 1.64 9.71
N THR A 283 2.20 1.33 8.87
CA THR A 283 2.07 0.30 7.84
C THR A 283 3.21 -0.70 8.01
N SER A 284 3.33 -1.68 7.10
CA SER A 284 4.37 -2.68 7.27
C SER A 284 5.80 -2.13 7.20
N GLY A 285 5.98 -0.98 6.56
CA GLY A 285 7.29 -0.35 6.48
C GLY A 285 7.75 0.40 7.71
N ASN A 286 6.84 0.71 8.64
CA ASN A 286 7.26 1.44 9.83
C ASN A 286 6.61 0.90 11.08
N LEU A 287 6.47 -0.43 11.12
CA LEU A 287 5.90 -1.08 12.30
C LEU A 287 6.64 -0.72 13.58
N THR A 288 7.95 -0.50 13.49
CA THR A 288 8.70 -0.22 14.71
C THR A 288 8.50 1.20 15.23
N GLU A 289 7.75 2.03 14.50
CA GLU A 289 7.33 3.34 15.01
C GLU A 289 6.14 3.23 15.95
N ALA A 290 5.55 2.03 16.06
CA ALA A 290 4.46 1.83 17.00
C ALA A 290 5.04 1.70 18.39
N SER A 291 4.44 2.40 19.35
CA SER A 291 4.95 2.43 20.72
C SER A 291 4.93 1.06 21.38
N ARG A 292 4.01 0.20 20.98
CA ARG A 292 3.84 -1.11 21.59
C ARG A 292 4.42 -2.26 20.74
N ILE A 293 5.32 -1.93 19.81
CA ILE A 293 5.89 -2.95 18.92
C ILE A 293 6.58 -4.09 19.70
N GLY A 294 7.15 -3.73 20.83
CA GLY A 294 7.82 -4.75 21.64
C GLY A 294 6.91 -5.83 22.18
N GLU A 295 5.60 -5.60 22.17
CA GLU A 295 4.61 -6.59 22.61
C GLU A 295 4.13 -7.54 21.50
N MSE A 296 4.51 -7.27 20.27
CA MSE A 296 3.97 -8.02 19.13
C MSE A 296 4.71 -9.33 19.01
O MSE A 296 5.94 -9.34 19.15
CB MSE A 296 4.15 -7.23 17.83
CG MSE A 296 3.49 -7.89 16.60
SE MSE A 296 4.24 -7.28 14.94
CE MSE A 296 6.07 -7.85 15.27
N GLY B 1 30.50 4.75 -25.16
CA GLY B 1 31.53 3.73 -25.23
C GLY B 1 31.87 3.30 -26.64
N LEU B 2 32.75 2.33 -26.77
CA LEU B 2 33.55 1.92 -25.62
C LEU B 2 34.70 2.90 -25.51
N VAL B 3 35.09 3.22 -24.29
CA VAL B 3 36.33 3.91 -24.03
C VAL B 3 37.21 2.98 -23.21
N PRO B 4 38.51 3.27 -23.11
CA PRO B 4 39.37 2.36 -22.35
C PRO B 4 38.97 2.24 -20.89
N ARG B 5 39.09 1.04 -20.35
CA ARG B 5 38.84 0.81 -18.94
C ARG B 5 39.86 1.51 -18.07
N GLY B 6 39.40 2.12 -16.98
CA GLY B 6 40.32 2.75 -16.03
C GLY B 6 40.61 1.93 -14.79
N SER B 7 39.79 0.90 -14.55
CA SER B 7 39.98 0.01 -13.42
C SER B 7 39.16 -1.25 -13.64
N HIS B 8 39.18 -2.16 -12.67
CA HIS B 8 38.36 -3.36 -12.77
C HIS B 8 36.90 -3.08 -12.45
N MSE B 9 36.64 -1.93 -11.83
CA MSE B 9 35.27 -1.60 -11.40
C MSE B 9 34.49 -0.95 -12.54
O MSE B 9 34.13 0.22 -12.50
CB MSE B 9 35.27 -0.77 -10.11
CG MSE B 9 35.48 -1.58 -8.83
SE MSE B 9 34.01 -2.79 -8.39
CE MSE B 9 32.82 -1.52 -7.51
N GLU B 10 34.27 -1.76 -13.59
CA GLU B 10 33.60 -1.34 -14.81
C GLU B 10 32.80 -2.50 -15.33
N VAL B 11 31.58 -2.21 -15.82
CA VAL B 11 30.70 -3.21 -16.41
C VAL B 11 30.17 -2.65 -17.71
N VAL B 12 30.11 -3.49 -18.73
CA VAL B 12 29.50 -3.11 -19.98
C VAL B 12 28.06 -3.60 -19.97
N VAL B 13 27.13 -2.73 -20.35
CA VAL B 13 25.72 -3.09 -20.41
C VAL B 13 25.23 -2.88 -21.83
N SER B 14 24.84 -3.96 -22.47
CA SER B 14 24.39 -3.95 -23.86
C SER B 14 22.86 -4.02 -23.95
N PHE B 15 22.25 -2.91 -24.40
CA PHE B 15 20.80 -2.84 -24.55
C PHE B 15 20.39 -3.21 -25.96
N ASN B 16 19.26 -3.91 -26.10
CA ASN B 16 18.75 -4.27 -27.43
C ASN B 16 18.36 -3.08 -28.29
N ASP B 17 17.69 -2.09 -27.68
CA ASP B 17 17.19 -0.94 -28.42
C ASP B 17 16.80 0.18 -27.46
N LEU B 18 17.66 1.19 -27.36
CA LEU B 18 17.41 2.29 -26.44
C LEU B 18 16.48 3.36 -26.97
N SER B 19 15.82 3.09 -28.11
CA SER B 19 14.72 3.94 -28.54
C SER B 19 13.42 3.56 -27.84
N GLN B 20 13.43 2.44 -27.11
CA GLN B 20 12.21 1.97 -26.42
C GLN B 20 12.08 2.64 -25.08
N PRO B 21 10.93 3.28 -24.79
CA PRO B 21 10.76 4.00 -23.52
C PRO B 21 11.01 3.14 -22.28
N PHE B 22 10.64 1.87 -22.31
CA PHE B 22 10.88 0.99 -21.16
C PHE B 22 12.36 0.96 -20.83
N PHE B 23 13.19 0.87 -21.86
CA PHE B 23 14.63 0.73 -21.64
C PHE B 23 15.35 2.02 -21.33
N VAL B 24 14.85 3.12 -21.86
CA VAL B 24 15.31 4.44 -21.46
C VAL B 24 15.16 4.61 -19.94
N ALA B 25 14.00 4.22 -19.43
CA ALA B 25 13.76 4.31 -17.99
C ALA B 25 14.65 3.33 -17.20
N MSE B 26 14.82 2.11 -17.72
CA MSE B 26 15.70 1.14 -17.09
C MSE B 26 17.12 1.67 -17.02
O MSE B 26 17.77 1.52 -15.99
CB MSE B 26 15.71 -0.19 -17.86
CG MSE B 26 16.59 -1.22 -17.20
SE MSE B 26 16.58 -2.92 -18.08
CE MSE B 26 14.95 -3.66 -17.33
N ARG B 27 17.59 2.33 -18.08
CA ARG B 27 18.92 2.94 -18.07
C ARG B 27 19.09 3.99 -16.97
N ARG B 28 18.05 4.76 -16.69
CA ARG B 28 18.16 5.71 -15.59
C ARG B 28 18.41 5.03 -14.24
N GLU B 29 17.73 3.91 -14.01
CA GLU B 29 17.91 3.16 -12.76
C GLU B 29 19.29 2.56 -12.74
N LEU B 30 19.74 2.07 -13.90
CA LEU B 30 21.10 1.55 -14.01
C LEU B 30 22.15 2.59 -13.58
N GLU B 31 22.00 3.83 -14.06
CA GLU B 31 22.96 4.88 -13.79
C GLU B 31 23.00 5.26 -12.31
N ASP B 32 21.85 5.28 -11.66
CA ASP B 32 21.76 5.56 -10.23
C ASP B 32 22.54 4.49 -9.46
N GLU B 33 22.18 3.25 -9.69
CA GLU B 33 22.82 2.14 -9.01
C GLU B 33 24.30 2.07 -9.30
N ALA B 34 24.71 2.39 -10.53
CA ALA B 34 26.14 2.33 -10.87
C ALA B 34 26.93 3.33 -10.02
N ALA B 35 26.35 4.52 -9.87
CA ALA B 35 26.99 5.53 -9.02
C ALA B 35 27.08 5.02 -7.59
N LYS B 36 25.99 4.51 -7.03
CA LYS B 36 26.00 4.01 -5.65
C LYS B 36 26.99 2.90 -5.39
N LEU B 37 27.23 2.07 -6.40
CA LEU B 37 28.11 0.92 -6.24
C LEU B 37 29.55 1.26 -6.55
N GLY B 38 29.79 2.48 -7.03
CA GLY B 38 31.13 2.92 -7.43
C GLY B 38 31.66 2.16 -8.62
N VAL B 39 30.78 1.80 -9.55
CA VAL B 39 31.15 1.09 -10.76
C VAL B 39 30.85 1.95 -11.98
N LYS B 40 31.77 1.97 -12.94
CA LYS B 40 31.53 2.68 -14.18
C LYS B 40 30.75 1.77 -15.09
N VAL B 41 29.67 2.28 -15.69
CA VAL B 41 28.99 1.48 -16.69
C VAL B 41 29.19 2.07 -18.08
N GLN B 42 29.56 1.22 -19.03
CA GLN B 42 29.60 1.65 -20.42
C GLN B 42 28.38 1.06 -21.10
N VAL B 43 27.52 1.93 -21.56
CA VAL B 43 26.23 1.53 -22.08
C VAL B 43 26.25 1.53 -23.60
N LEU B 44 25.92 0.38 -24.18
CA LEU B 44 25.90 0.23 -25.65
C LEU B 44 24.46 -0.03 -26.11
N ASP B 45 24.11 0.58 -27.23
CA ASP B 45 22.78 0.43 -27.81
C ASP B 45 22.92 -0.38 -29.08
N ALA B 46 22.27 -1.53 -29.12
CA ALA B 46 22.34 -2.38 -30.31
C ALA B 46 21.50 -1.88 -31.47
N GLN B 47 20.64 -0.90 -31.22
CA GLN B 47 19.80 -0.31 -32.26
C GLN B 47 18.99 -1.39 -32.96
N ASN B 48 18.49 -2.34 -32.17
CA ASN B 48 17.72 -3.50 -32.67
C ASN B 48 18.41 -4.30 -33.78
N ASN B 49 19.73 -4.37 -33.73
CA ASN B 49 20.52 -5.07 -34.74
C ASN B 49 21.42 -6.09 -34.05
N SER B 50 21.14 -7.37 -34.28
CA SER B 50 21.85 -8.45 -33.60
CA SER B 50 21.84 -8.46 -33.62
C SER B 50 23.32 -8.50 -33.99
N SER B 51 23.61 -8.21 -35.25
CA SER B 51 24.99 -8.22 -35.70
C SER B 51 25.78 -7.13 -34.99
N LYS B 52 25.14 -5.98 -34.79
CA LYS B 52 25.81 -4.90 -34.07
C LYS B 52 26.04 -5.30 -32.61
N GLN B 53 25.03 -5.89 -31.99
CA GLN B 53 25.14 -6.27 -30.60
C GLN B 53 26.27 -7.28 -30.43
N ILE B 54 26.34 -8.25 -31.33
CA ILE B 54 27.39 -9.26 -31.31
C ILE B 54 28.78 -8.64 -31.41
N SER B 55 28.96 -7.70 -32.34
CA SER B 55 30.23 -7.02 -32.47
C SER B 55 30.56 -6.10 -31.29
N ASP B 56 29.54 -5.46 -30.70
CA ASP B 56 29.72 -4.68 -29.47
C ASP B 56 30.27 -5.55 -28.35
N LEU B 57 29.68 -6.73 -28.20
CA LEU B 57 30.08 -7.65 -27.14
C LEU B 57 31.51 -8.16 -27.38
N GLN B 58 31.82 -8.47 -28.64
CA GLN B 58 33.17 -8.90 -29.01
C GLN B 58 34.21 -7.82 -28.68
N ALA B 59 33.87 -6.59 -28.99
CA ALA B 59 34.78 -5.48 -28.73
C ALA B 59 34.98 -5.28 -27.23
N ALA B 60 33.89 -5.41 -26.48
CA ALA B 60 33.97 -5.27 -25.03
C ALA B 60 34.93 -6.29 -24.44
N ALA B 61 34.89 -7.53 -24.92
CA ALA B 61 35.78 -8.59 -24.43
C ALA B 61 37.23 -8.32 -24.82
N VAL B 62 37.45 -7.93 -26.06
CA VAL B 62 38.79 -7.54 -26.51
C VAL B 62 39.39 -6.45 -25.63
N GLN B 63 38.56 -5.51 -25.20
CA GLN B 63 39.05 -4.38 -24.45
C GLN B 63 39.06 -4.60 -22.93
N GLY B 64 38.76 -5.82 -22.49
CA GLY B 64 38.99 -6.17 -21.10
C GLY B 64 37.79 -6.29 -20.18
N ALA B 65 36.59 -6.14 -20.72
CA ALA B 65 35.40 -6.35 -19.91
C ALA B 65 35.41 -7.75 -19.30
N LYS B 66 35.07 -7.84 -18.01
CA LYS B 66 35.04 -9.10 -17.32
C LYS B 66 33.62 -9.50 -16.92
N VAL B 67 32.71 -8.52 -16.91
CA VAL B 67 31.29 -8.84 -16.80
C VAL B 67 30.50 -7.99 -17.78
N VAL B 68 29.58 -8.63 -18.50
CA VAL B 68 28.69 -7.91 -19.41
C VAL B 68 27.27 -8.27 -19.00
N ILE B 69 26.42 -7.24 -18.90
CA ILE B 69 24.99 -7.43 -18.73
C ILE B 69 24.35 -7.16 -20.09
N VAL B 70 23.55 -8.12 -20.56
CA VAL B 70 23.02 -8.05 -21.93
C VAL B 70 21.50 -8.25 -21.99
N ALA B 71 20.82 -7.33 -22.68
CA ALA B 71 19.43 -7.53 -23.06
C ALA B 71 19.49 -7.87 -24.55
N PRO B 72 19.47 -9.17 -24.87
CA PRO B 72 19.72 -9.53 -26.27
C PRO B 72 18.61 -9.11 -27.21
N THR B 73 18.98 -8.65 -28.41
CA THR B 73 17.98 -8.36 -29.46
C THR B 73 17.16 -9.58 -29.80
N ASP B 74 17.78 -10.75 -29.80
CA ASP B 74 17.12 -12.01 -30.05
C ASP B 74 17.73 -13.04 -29.12
N SER B 75 16.88 -13.72 -28.37
CA SER B 75 17.32 -14.61 -27.29
C SER B 75 18.16 -15.77 -27.80
N LYS B 76 17.82 -16.27 -28.99
CA LYS B 76 18.62 -17.34 -29.60
C LYS B 76 19.83 -16.85 -30.38
N ALA B 77 19.71 -15.72 -31.06
CA ALA B 77 20.75 -15.23 -31.95
C ALA B 77 22.02 -14.79 -31.21
N LEU B 78 21.89 -14.53 -29.92
CA LEU B 78 23.02 -14.08 -29.12
C LEU B 78 23.71 -15.20 -28.36
N ALA B 79 23.23 -16.43 -28.49
CA ALA B 79 23.78 -17.54 -27.73
C ALA B 79 25.23 -17.80 -28.09
N GLY B 80 25.55 -17.67 -29.37
CA GLY B 80 26.91 -17.87 -29.84
C GLY B 80 27.89 -16.87 -29.25
N ALA B 81 27.48 -15.61 -29.23
CA ALA B 81 28.30 -14.56 -28.63
C ALA B 81 28.50 -14.79 -27.13
N ALA B 82 27.44 -15.19 -26.44
CA ALA B 82 27.54 -15.44 -25.02
C ALA B 82 28.51 -16.59 -24.71
N ASP B 83 28.40 -17.69 -25.46
CA ASP B 83 29.31 -18.81 -25.29
C ASP B 83 30.76 -18.36 -25.51
N ASP B 84 30.96 -17.55 -26.54
CA ASP B 84 32.30 -17.07 -26.88
C ASP B 84 32.87 -16.19 -25.78
N LEU B 85 32.03 -15.30 -25.23
CA LEU B 85 32.48 -14.46 -24.11
C LEU B 85 32.89 -15.33 -22.92
N VAL B 86 32.06 -16.29 -22.56
CA VAL B 86 32.33 -17.16 -21.42
C VAL B 86 33.63 -17.95 -21.59
N GLU B 87 33.84 -18.49 -22.78
CA GLU B 87 35.08 -19.21 -23.07
C GLU B 87 36.33 -18.33 -22.95
N GLN B 88 36.19 -17.02 -23.16
CA GLN B 88 37.27 -16.05 -22.99
C GLN B 88 37.41 -15.58 -21.55
N GLY B 89 36.56 -16.06 -20.66
CA GLY B 89 36.61 -15.64 -19.27
C GLY B 89 35.85 -14.36 -18.96
N VAL B 90 34.88 -14.02 -19.81
CA VAL B 90 33.98 -12.89 -19.55
C VAL B 90 32.67 -13.46 -19.04
N ALA B 91 32.26 -13.04 -17.85
CA ALA B 91 30.98 -13.50 -17.28
C ALA B 91 29.84 -12.76 -17.99
N VAL B 92 28.78 -13.48 -18.32
CA VAL B 92 27.62 -12.90 -18.98
C VAL B 92 26.37 -13.13 -18.12
N ILE B 93 25.60 -12.08 -17.95
CA ILE B 93 24.27 -12.20 -17.36
C ILE B 93 23.27 -11.45 -18.24
N SER B 94 22.12 -12.05 -18.48
CA SER B 94 21.10 -11.38 -19.26
C SER B 94 20.11 -10.67 -18.33
N VAL B 95 19.49 -9.63 -18.87
CA VAL B 95 18.46 -8.88 -18.15
C VAL B 95 17.26 -8.69 -19.09
N ASP B 96 16.07 -8.76 -18.50
CA ASP B 96 14.78 -8.55 -19.17
C ASP B 96 14.32 -9.71 -20.05
N ARG B 97 15.19 -10.15 -20.95
CA ARG B 97 14.94 -11.35 -21.74
C ARG B 97 16.22 -12.19 -21.73
N ASN B 98 16.05 -13.49 -21.90
CA ASN B 98 17.16 -14.43 -21.69
C ASN B 98 17.97 -14.72 -22.95
N ILE B 99 19.06 -15.43 -22.76
CA ILE B 99 19.86 -15.96 -23.86
C ILE B 99 19.71 -17.47 -23.74
N ALA B 100 19.40 -18.15 -24.84
CA ALA B 100 19.09 -19.58 -24.76
C ALA B 100 19.59 -20.35 -25.96
N GLY B 101 19.90 -21.62 -25.76
CA GLY B 101 20.23 -22.48 -26.87
C GLY B 101 21.72 -22.63 -27.13
N GLY B 102 22.54 -22.06 -26.27
CA GLY B 102 23.98 -22.22 -26.42
C GLY B 102 24.51 -23.35 -25.56
N LYS B 103 25.83 -23.54 -25.59
CA LYS B 103 26.51 -24.55 -24.80
C LYS B 103 26.42 -24.25 -23.31
N THR B 104 26.56 -22.98 -22.96
CA THR B 104 26.58 -22.59 -21.56
C THR B 104 25.24 -21.99 -21.15
N ALA B 105 24.82 -22.24 -19.90
CA ALA B 105 23.60 -21.64 -19.39
C ALA B 105 23.90 -20.25 -18.87
N VAL B 106 23.29 -19.26 -19.49
CA VAL B 106 23.52 -17.88 -19.12
C VAL B 106 22.55 -17.49 -18.02
N PRO B 107 23.08 -17.04 -16.88
CA PRO B 107 22.19 -16.63 -15.79
C PRO B 107 21.32 -15.46 -16.24
N HIS B 108 20.11 -15.37 -15.71
CA HIS B 108 19.12 -14.42 -16.21
C HIS B 108 18.38 -13.73 -15.10
N VAL B 109 18.32 -12.38 -15.16
CA VAL B 109 17.49 -11.59 -14.26
C VAL B 109 16.34 -10.98 -15.08
N GLY B 110 15.11 -11.36 -14.75
CA GLY B 110 13.99 -10.80 -15.49
C GLY B 110 12.67 -11.08 -14.82
N ALA B 111 11.59 -10.62 -15.45
CA ALA B 111 10.27 -10.99 -14.97
C ALA B 111 9.88 -12.42 -15.37
N ASP B 112 8.99 -13.02 -14.59
CA ASP B 112 8.30 -14.27 -14.98
C ASP B 112 7.26 -13.89 -16.00
N ASN B 113 7.64 -13.97 -17.27
CA ASN B 113 6.79 -13.42 -18.31
C ASN B 113 5.60 -14.33 -18.66
N VAL B 114 5.73 -15.62 -18.43
CA VAL B 114 4.59 -16.53 -18.56
C VAL B 114 3.53 -16.13 -17.54
N ALA B 115 3.93 -15.90 -16.29
CA ALA B 115 2.98 -15.48 -15.28
C ALA B 115 2.34 -14.13 -15.64
N GLY B 116 3.12 -13.23 -16.24
CA GLY B 116 2.59 -11.94 -16.66
C GLY B 116 1.52 -12.05 -17.73
N GLY B 117 1.82 -12.82 -18.76
CA GLY B 117 0.83 -13.07 -19.81
C GLY B 117 -0.42 -13.78 -19.27
N ARG B 118 -0.20 -14.75 -18.39
CA ARG B 118 -1.31 -15.48 -17.79
C ARG B 118 -2.23 -14.56 -16.96
N ALA B 119 -1.64 -13.60 -16.25
CA ALA B 119 -2.43 -12.62 -15.50
C ALA B 119 -3.35 -11.80 -16.42
N MSE B 120 -2.85 -11.42 -17.59
CA MSE B 120 -3.66 -10.64 -18.53
C MSE B 120 -4.85 -11.46 -19.00
O MSE B 120 -5.99 -10.99 -19.07
CB MSE B 120 -2.84 -10.29 -19.79
CG MSE B 120 -1.58 -9.43 -19.57
SE MSE B 120 -0.49 -9.19 -21.18
CE MSE B 120 -1.32 -7.59 -21.88
N ALA B 121 -4.58 -12.70 -19.38
CA ALA B 121 -5.62 -13.59 -19.88
C ALA B 121 -6.62 -13.93 -18.78
N ASP B 122 -6.10 -14.12 -17.57
CA ASP B 122 -6.97 -14.45 -16.43
C ASP B 122 -7.97 -13.31 -16.15
N TRP B 123 -7.50 -12.08 -16.33
CA TRP B 123 -8.39 -10.92 -16.21
C TRP B 123 -9.55 -11.00 -17.20
N VAL B 124 -9.25 -11.35 -18.44
CA VAL B 124 -10.29 -11.49 -19.45
C VAL B 124 -11.31 -12.57 -19.06
N VAL B 125 -10.81 -13.73 -18.63
CA VAL B 125 -11.72 -14.85 -18.33
C VAL B 125 -12.60 -14.55 -17.14
N LYS B 126 -12.05 -13.84 -16.15
CA LYS B 126 -12.80 -13.44 -14.95
C LYS B 126 -13.84 -12.37 -15.29
N THR B 127 -13.46 -11.42 -16.14
CA THR B 127 -14.30 -10.25 -16.46
C THR B 127 -15.41 -10.52 -17.49
N TYR B 128 -15.17 -11.48 -18.38
CA TYR B 128 -16.09 -11.84 -19.44
C TYR B 128 -16.43 -13.33 -19.31
N PRO B 129 -17.17 -13.70 -18.27
CA PRO B 129 -17.28 -15.14 -18.06
C PRO B 129 -18.04 -15.90 -19.15
N ALA B 130 -18.79 -15.20 -20.00
CA ALA B 130 -19.50 -15.85 -21.09
C ALA B 130 -18.72 -15.85 -22.39
N GLY B 131 -17.48 -15.35 -22.34
CA GLY B 131 -16.64 -15.32 -23.52
C GLY B 131 -16.27 -13.92 -23.99
N ALA B 132 -15.29 -13.87 -24.87
CA ALA B 132 -14.82 -12.59 -25.39
C ALA B 132 -14.04 -12.79 -26.66
N ARG B 133 -14.04 -11.75 -27.49
CA ARG B 133 -13.18 -11.70 -28.66
C ARG B 133 -11.94 -10.87 -28.33
N VAL B 134 -10.77 -11.49 -28.48
CA VAL B 134 -9.49 -10.93 -28.02
C VAL B 134 -8.53 -10.76 -29.18
N VAL B 135 -7.85 -9.62 -29.21
CA VAL B 135 -6.75 -9.35 -30.15
C VAL B 135 -5.47 -9.31 -29.34
N VAL B 136 -4.42 -9.94 -29.84
CA VAL B 136 -3.13 -9.95 -29.15
C VAL B 136 -2.10 -9.26 -30.02
N ILE B 137 -1.48 -8.20 -29.48
CA ILE B 137 -0.44 -7.46 -30.18
C ILE B 137 0.88 -7.69 -29.45
N THR B 138 1.81 -8.38 -30.11
CA THR B 138 3.02 -8.83 -29.41
C THR B 138 4.21 -7.84 -29.51
N ASN B 139 5.08 -7.91 -28.51
CA ASN B 139 6.32 -7.15 -28.50
C ASN B 139 7.44 -7.91 -29.23
N ASP B 140 8.60 -7.25 -29.41
CA ASP B 140 9.88 -7.84 -29.89
C ASP B 140 9.87 -9.36 -30.14
N PRO B 141 9.54 -9.79 -31.37
CA PRO B 141 9.28 -11.21 -31.57
C PRO B 141 10.42 -12.17 -31.28
N GLY B 142 11.66 -11.72 -31.39
CA GLY B 142 12.77 -12.61 -31.10
C GLY B 142 13.12 -12.74 -29.63
N SER B 143 12.48 -11.93 -28.79
CA SER B 143 12.79 -11.88 -27.37
CA SER B 143 12.81 -11.91 -27.38
C SER B 143 12.08 -12.99 -26.59
N SER B 144 12.79 -13.64 -25.66
CA SER B 144 12.13 -14.59 -24.75
C SER B 144 10.92 -13.97 -24.04
N SER B 145 10.97 -12.66 -23.80
CA SER B 145 9.84 -12.03 -23.09
C SER B 145 8.55 -12.07 -23.91
N SER B 146 8.66 -11.85 -25.22
CA SER B 146 7.52 -11.97 -26.11
C SER B 146 7.01 -13.41 -26.16
N ILE B 147 7.90 -14.35 -26.42
CA ILE B 147 7.54 -15.76 -26.47
C ILE B 147 6.83 -16.25 -25.21
N GLU B 148 7.36 -15.87 -24.05
CA GLU B 148 6.79 -16.33 -22.79
C GLU B 148 5.52 -15.58 -22.42
N ARG B 149 5.46 -14.28 -22.69
CA ARG B 149 4.21 -13.55 -22.48
C ARG B 149 3.06 -14.10 -23.31
N VAL B 150 3.33 -14.34 -24.59
CA VAL B 150 2.35 -14.95 -25.48
C VAL B 150 1.90 -16.32 -24.96
N LYS B 151 2.84 -17.13 -24.50
CA LYS B 151 2.49 -18.44 -23.96
C LYS B 151 1.55 -18.32 -22.77
N GLY B 152 1.79 -17.34 -21.90
CA GLY B 152 0.94 -17.14 -20.74
C GLY B 152 -0.46 -16.71 -21.13
N VAL B 153 -0.55 -15.83 -22.12
CA VAL B 153 -1.85 -15.41 -22.66
C VAL B 153 -2.61 -16.61 -23.23
N HIS B 154 -1.92 -17.41 -24.03
CA HIS B 154 -2.49 -18.61 -24.62
C HIS B 154 -2.98 -19.56 -23.56
N ASP B 155 -2.16 -19.76 -22.52
CA ASP B 155 -2.52 -20.66 -21.42
C ASP B 155 -3.86 -20.25 -20.81
N GLY B 156 -3.99 -18.97 -20.51
CA GLY B 156 -5.18 -18.49 -19.84
C GLY B 156 -6.41 -18.50 -20.71
N LEU B 157 -6.26 -18.14 -21.98
CA LEU B 157 -7.44 -18.21 -22.82
C LEU B 157 -7.82 -19.65 -23.19
N ALA B 158 -6.83 -20.54 -23.34
CA ALA B 158 -7.14 -21.95 -23.60
C ALA B 158 -7.91 -22.49 -22.41
N ALA B 159 -7.55 -22.07 -21.20
CA ALA B 159 -8.23 -22.55 -20.01
C ALA B 159 -9.67 -22.07 -19.95
N GLY B 160 -9.93 -20.88 -20.49
CA GLY B 160 -11.28 -20.38 -20.57
C GLY B 160 -12.12 -21.16 -21.57
N GLY B 161 -11.51 -21.60 -22.65
CA GLY B 161 -12.20 -22.45 -23.62
C GLY B 161 -12.54 -21.72 -24.90
N PRO B 162 -13.27 -22.37 -25.78
CA PRO B 162 -13.56 -21.85 -27.13
C PRO B 162 -14.38 -20.60 -27.16
N ALA B 163 -15.04 -20.23 -26.06
CA ALA B 163 -15.77 -18.97 -26.03
C ALA B 163 -14.83 -17.77 -25.92
N PHE B 164 -13.58 -18.03 -25.57
CA PHE B 164 -12.56 -16.97 -25.55
C PHE B 164 -11.73 -17.04 -26.83
N LYS B 165 -12.03 -16.18 -27.79
CA LYS B 165 -11.44 -16.35 -29.11
C LYS B 165 -10.28 -15.40 -29.34
N ILE B 166 -9.14 -15.93 -29.75
CA ILE B 166 -8.04 -15.10 -30.24
C ILE B 166 -8.33 -14.84 -31.72
N VAL B 167 -8.94 -13.70 -32.01
CA VAL B 167 -9.39 -13.42 -33.35
C VAL B 167 -8.20 -13.14 -34.26
N THR B 168 -7.21 -12.44 -33.71
CA THR B 168 -5.92 -12.36 -34.40
CA THR B 168 -5.94 -12.19 -34.44
C THR B 168 -4.81 -12.06 -33.41
N GLU B 169 -3.63 -12.55 -33.77
CA GLU B 169 -2.43 -12.28 -33.01
C GLU B 169 -1.39 -11.79 -34.00
N GLN B 170 -0.87 -10.58 -33.78
CA GLN B 170 0.09 -9.96 -34.68
C GLN B 170 1.13 -9.21 -33.88
N THR B 171 2.33 -9.05 -34.43
CA THR B 171 3.31 -8.23 -33.75
C THR B 171 3.26 -6.77 -34.19
N ALA B 172 3.59 -5.87 -33.30
CA ALA B 172 3.92 -4.50 -33.68
C ALA B 172 5.35 -4.12 -33.27
N ASN B 173 6.17 -5.15 -33.01
CA ASN B 173 7.63 -5.00 -32.90
C ASN B 173 8.05 -3.98 -31.85
N SER B 174 7.24 -3.86 -30.81
CA SER B 174 7.50 -2.92 -29.73
C SER B 174 7.65 -1.47 -30.22
N LYS B 175 6.84 -1.11 -31.22
CA LYS B 175 6.85 0.25 -31.74
C LYS B 175 5.44 0.83 -31.72
N ARG B 176 5.30 2.00 -31.13
CA ARG B 176 4.00 2.64 -31.00
C ARG B 176 3.36 2.93 -32.37
N ASP B 177 4.20 3.36 -33.32
CA ASP B 177 3.71 3.72 -34.65
C ASP B 177 3.15 2.52 -35.39
N GLN B 178 3.83 1.38 -35.27
CA GLN B 178 3.31 0.13 -35.84
C GLN B 178 2.07 -0.33 -35.10
N ALA B 179 2.04 -0.18 -33.78
CA ALA B 179 0.84 -0.54 -33.02
C ALA B 179 -0.41 0.21 -33.51
N LEU B 180 -0.26 1.48 -33.86
CA LEU B 180 -1.40 2.26 -34.33
C LEU B 180 -1.94 1.67 -35.65
N THR B 181 -1.08 1.46 -36.65
CA THR B 181 -1.58 0.99 -37.95
C THR B 181 -2.00 -0.48 -37.92
N VAL B 182 -1.24 -1.31 -37.21
CA VAL B 182 -1.59 -2.73 -37.11
C VAL B 182 -2.96 -2.87 -36.44
N THR B 183 -3.17 -2.15 -35.35
CA THR B 183 -4.46 -2.19 -34.66
C THR B 183 -5.58 -1.61 -35.51
N GLN B 184 -5.31 -0.51 -36.19
CA GLN B 184 -6.30 0.05 -37.11
C GLN B 184 -6.75 -0.95 -38.13
N ASN B 185 -5.81 -1.68 -38.74
CA ASN B 185 -6.16 -2.62 -39.79
C ASN B 185 -6.94 -3.80 -39.20
N ILE B 186 -6.57 -4.22 -37.99
CA ILE B 186 -7.32 -5.28 -37.33
C ILE B 186 -8.76 -4.85 -37.04
N LEU B 187 -8.94 -3.64 -36.54
CA LEU B 187 -10.30 -3.14 -36.28
C LEU B 187 -11.13 -3.08 -37.56
N THR B 188 -10.50 -2.66 -38.64
CA THR B 188 -11.18 -2.54 -39.92
C THR B 188 -11.67 -3.91 -40.38
N SER B 189 -10.82 -4.93 -40.21
CA SER B 189 -11.15 -6.31 -40.57
C SER B 189 -12.30 -6.90 -39.74
N MSE B 190 -12.57 -6.33 -38.59
CA MSE B 190 -13.68 -6.83 -37.79
C MSE B 190 -14.65 -5.75 -37.39
O MSE B 190 -15.23 -5.78 -36.30
CB MSE B 190 -13.19 -7.64 -36.58
CG MSE B 190 -12.24 -6.91 -35.67
SE MSE B 190 -11.20 -8.08 -34.45
CE MSE B 190 -10.18 -9.04 -35.75
N ARG B 191 -14.87 -4.80 -38.28
CA ARG B 191 -15.61 -3.59 -37.88
C ARG B 191 -17.08 -3.85 -37.49
N ASP B 192 -17.65 -4.95 -37.97
CA ASP B 192 -19.03 -5.29 -37.62
C ASP B 192 -19.12 -5.99 -36.26
N THR B 193 -17.99 -6.52 -35.82
CA THR B 193 -17.89 -7.20 -34.54
C THR B 193 -16.56 -6.86 -33.88
N PRO B 194 -16.45 -5.62 -33.36
CA PRO B 194 -15.18 -5.17 -32.77
C PRO B 194 -14.76 -6.06 -31.60
N PRO B 195 -13.45 -6.14 -31.33
CA PRO B 195 -13.00 -7.02 -30.27
C PRO B 195 -13.40 -6.48 -28.91
N ASP B 196 -13.52 -7.36 -27.95
CA ASP B 196 -13.79 -6.92 -26.60
C ASP B 196 -12.55 -6.40 -25.91
N VAL B 197 -11.41 -7.03 -26.20
CA VAL B 197 -10.20 -6.73 -25.46
C VAL B 197 -9.03 -6.80 -26.42
N ILE B 198 -8.12 -5.82 -26.33
CA ILE B 198 -6.85 -5.85 -27.05
C ILE B 198 -5.76 -6.00 -25.99
N LEU B 199 -5.08 -7.13 -26.00
CA LEU B 199 -3.97 -7.39 -25.10
C LEU B 199 -2.69 -7.00 -25.81
N CYS B 200 -2.05 -5.95 -25.31
CA CYS B 200 -0.82 -5.40 -25.91
C CYS B 200 0.33 -5.72 -25.00
N LEU B 201 1.38 -6.29 -25.57
CA LEU B 201 2.46 -6.83 -24.75
C LEU B 201 3.54 -5.83 -24.38
N ASN B 202 3.27 -4.56 -24.64
CA ASN B 202 3.91 -3.48 -23.89
C ASN B 202 3.05 -2.21 -23.88
N ASP B 203 3.38 -1.26 -23.02
CA ASP B 203 2.54 -0.08 -22.84
C ASP B 203 2.70 0.90 -23.99
N ASP B 204 3.88 0.96 -24.57
CA ASP B 204 4.14 1.84 -25.71
C ASP B 204 3.19 1.48 -26.85
N MSE B 205 3.05 0.18 -27.13
CA MSE B 205 2.14 -0.29 -28.15
C MSE B 205 0.72 -0.09 -27.74
O MSE B 205 -0.12 0.24 -28.57
CB MSE B 205 2.37 -1.76 -28.48
CG MSE B 205 3.72 -1.98 -29.19
SE MSE B 205 3.95 -3.85 -29.71
CE MSE B 205 3.76 -4.72 -28.01
N ALA B 206 0.43 -0.30 -26.46
CA ALA B 206 -0.90 -0.09 -25.92
C ALA B 206 -1.38 1.33 -26.16
N MSE B 207 -0.46 2.30 -26.13
CA MSE B 207 -0.82 3.69 -26.41
C MSE B 207 -1.32 3.82 -27.83
O MSE B 207 -2.30 4.52 -28.10
CB MSE B 207 0.36 4.62 -26.18
CG MSE B 207 0.80 4.74 -24.71
SE MSE B 207 -0.56 5.19 -23.35
CE MSE B 207 -0.21 3.51 -22.50
N GLY B 208 -0.62 3.17 -28.74
CA GLY B 208 -1.01 3.11 -30.15
C GLY B 208 -2.36 2.46 -30.36
N ALA B 209 -2.62 1.39 -29.61
CA ALA B 209 -3.91 0.71 -29.71
C ALA B 209 -5.04 1.57 -29.19
N LEU B 210 -4.81 2.29 -28.09
CA LEU B 210 -5.80 3.21 -27.56
C LEU B 210 -6.18 4.24 -28.63
N GLU B 211 -5.16 4.73 -29.32
CA GLU B 211 -5.36 5.71 -30.38
C GLU B 211 -6.12 5.10 -31.55
N ALA B 212 -5.81 3.87 -31.91
CA ALA B 212 -6.58 3.20 -32.97
C ALA B 212 -8.06 3.07 -32.61
N VAL B 213 -8.35 2.72 -31.36
CA VAL B 213 -9.72 2.62 -30.87
C VAL B 213 -10.44 3.97 -30.96
N ARG B 214 -9.76 5.05 -30.56
CA ARG B 214 -10.32 6.40 -30.70
C ARG B 214 -10.53 6.80 -32.16
N ALA B 215 -9.53 6.54 -33.01
CA ALA B 215 -9.62 6.86 -34.43
C ALA B 215 -10.77 6.11 -35.10
N ALA B 216 -11.16 4.97 -34.53
CA ALA B 216 -12.29 4.20 -35.07
C ALA B 216 -13.66 4.65 -34.53
N GLY B 217 -13.67 5.70 -33.71
CA GLY B 217 -14.91 6.18 -33.13
C GLY B 217 -15.43 5.32 -31.99
N LEU B 218 -14.55 4.51 -31.43
CA LEU B 218 -14.87 3.64 -30.28
C LEU B 218 -14.26 4.17 -28.96
N ASP B 219 -14.75 3.71 -27.81
CA ASP B 219 -14.06 4.04 -26.56
C ASP B 219 -13.95 2.80 -25.67
N SER B 220 -13.42 2.97 -24.47
CA SER B 220 -13.14 1.85 -23.60
C SER B 220 -14.36 1.13 -23.08
N ALA B 221 -15.54 1.70 -23.25
CA ALA B 221 -16.72 0.95 -22.85
C ALA B 221 -16.93 -0.25 -23.78
N LYS B 222 -16.54 -0.12 -25.03
CA LYS B 222 -16.67 -1.23 -25.99
C LYS B 222 -15.40 -2.04 -26.21
N VAL B 223 -14.26 -1.39 -26.25
CA VAL B 223 -12.98 -2.09 -26.48
C VAL B 223 -11.99 -1.80 -25.36
N LYS B 224 -11.68 -2.82 -24.56
CA LYS B 224 -10.77 -2.68 -23.43
C LYS B 224 -9.32 -2.93 -23.90
N VAL B 225 -8.38 -2.18 -23.33
CA VAL B 225 -6.96 -2.34 -23.66
C VAL B 225 -6.17 -2.66 -22.39
N ILE B 226 -5.33 -3.69 -22.46
CA ILE B 226 -4.42 -4.05 -21.37
C ILE B 226 -3.01 -3.99 -21.93
N GLY B 227 -2.09 -3.37 -21.20
CA GLY B 227 -0.72 -3.29 -21.64
C GLY B 227 0.20 -4.08 -20.73
N PHE B 228 1.48 -3.73 -20.77
CA PHE B 228 2.51 -4.40 -19.98
C PHE B 228 3.63 -3.39 -19.82
N ASP B 229 4.09 -3.20 -18.58
CA ASP B 229 5.28 -2.40 -18.18
C ASP B 229 4.98 -1.40 -17.07
N ALA B 230 3.72 -1.00 -16.92
CA ALA B 230 3.34 0.00 -15.92
C ALA B 230 4.15 1.31 -16.05
N ILE B 231 4.34 1.78 -17.29
CA ILE B 231 4.99 3.07 -17.45
C ILE B 231 4.01 4.17 -17.00
N PRO B 232 4.55 5.32 -16.54
CA PRO B 232 3.65 6.36 -15.97
C PRO B 232 2.55 6.83 -16.93
N GLU B 233 2.80 6.90 -18.23
CA GLU B 233 1.75 7.27 -19.18
C GLU B 233 0.58 6.29 -19.15
N ALA B 234 0.88 5.00 -19.04
CA ALA B 234 -0.18 3.98 -18.95
C ALA B 234 -0.90 4.07 -17.61
N LEU B 235 -0.15 4.30 -16.53
CA LEU B 235 -0.82 4.47 -15.23
C LEU B 235 -1.85 5.61 -15.26
N ALA B 236 -1.48 6.72 -15.90
CA ALA B 236 -2.41 7.85 -16.04
C ALA B 236 -3.64 7.48 -16.85
N ARG B 237 -3.48 6.68 -17.91
CA ARG B 237 -4.64 6.26 -18.70
C ARG B 237 -5.54 5.33 -17.90
N ILE B 238 -4.94 4.52 -17.02
CA ILE B 238 -5.73 3.65 -16.16
C ILE B 238 -6.50 4.47 -15.11
N LYS B 239 -5.83 5.45 -14.51
CA LYS B 239 -6.50 6.35 -13.58
C LYS B 239 -7.69 7.06 -14.27
N ALA B 240 -7.53 7.41 -15.55
CA ALA B 240 -8.58 8.11 -16.31
C ALA B 240 -9.70 7.20 -16.78
N GLY B 241 -9.47 5.90 -16.73
CA GLY B 241 -10.46 4.94 -17.20
C GLY B 241 -10.42 4.67 -18.69
N GLU B 242 -9.35 5.08 -19.35
CA GLU B 242 -9.18 4.87 -20.79
C GLU B 242 -8.50 3.52 -21.08
N MSE B 243 -7.65 3.10 -20.16
CA MSE B 243 -7.01 1.80 -20.20
CA MSE B 243 -7.02 1.76 -20.21
C MSE B 243 -7.44 1.00 -18.98
O MSE B 243 -7.58 1.57 -17.91
CB MSE B 243 -5.50 2.03 -20.18
CB MSE B 243 -5.46 1.79 -20.29
CG MSE B 243 -4.69 0.81 -20.41
CG MSE B 243 -4.78 0.38 -20.15
SE MSE B 243 -2.83 1.31 -20.24
SE MSE B 243 -2.92 0.24 -20.83
CE MSE B 243 -2.03 -0.17 -21.10
CE MSE B 243 -2.82 2.05 -21.36
N VAL B 244 -7.66 -0.30 -19.10
CA VAL B 244 -8.13 -1.03 -17.93
C VAL B 244 -7.01 -1.57 -17.05
N ALA B 245 -5.88 -1.95 -17.65
CA ALA B 245 -4.84 -2.59 -16.86
C ALA B 245 -3.49 -2.56 -17.54
N THR B 246 -2.44 -2.77 -16.75
CA THR B 246 -1.10 -3.00 -17.29
C THR B 246 -0.44 -4.02 -16.35
N VAL B 247 0.85 -4.31 -16.54
CA VAL B 247 1.54 -5.30 -15.70
C VAL B 247 2.83 -4.69 -15.22
N GLU B 248 3.02 -4.72 -13.90
CA GLU B 248 4.24 -4.29 -13.27
C GLU B 248 5.24 -5.42 -13.28
N GLN B 249 6.44 -5.15 -13.80
CA GLN B 249 7.51 -6.15 -13.80
C GLN B 249 8.84 -5.69 -13.16
N ASN B 250 8.83 -4.56 -12.44
CA ASN B 250 9.98 -4.12 -11.67
C ASN B 250 11.30 -4.07 -12.46
N PRO B 251 11.34 -3.30 -13.55
CA PRO B 251 12.57 -3.21 -14.35
C PRO B 251 13.70 -2.55 -13.58
N GLY B 252 13.38 -1.63 -12.68
CA GLY B 252 14.41 -1.03 -11.85
C GLY B 252 15.10 -2.09 -11.01
N LEU B 253 14.30 -2.94 -10.37
CA LEU B 253 14.87 -4.01 -9.57
C LEU B 253 15.64 -5.01 -10.45
N GLN B 254 15.15 -5.32 -11.66
CA GLN B 254 15.88 -6.23 -12.55
C GLN B 254 17.28 -5.71 -12.83
N ILE B 255 17.40 -4.46 -13.24
CA ILE B 255 18.70 -3.95 -13.66
C ILE B 255 19.61 -3.74 -12.45
N ARG B 256 19.06 -3.30 -11.32
CA ARG B 256 19.88 -3.12 -10.12
C ARG B 256 20.42 -4.47 -9.63
N THR B 257 19.59 -5.51 -9.69
CA THR B 257 19.99 -6.85 -9.24
C THR B 257 21.10 -7.40 -10.12
N ALA B 258 20.96 -7.25 -11.42
CA ALA B 258 22.02 -7.66 -12.34
C ALA B 258 23.33 -6.93 -12.08
N LEU B 259 23.24 -5.62 -11.84
CA LEU B 259 24.44 -4.85 -11.57
C LEU B 259 25.07 -5.20 -10.23
N ARG B 260 24.24 -5.40 -9.20
CA ARG B 260 24.76 -5.84 -7.89
C ARG B 260 25.48 -7.18 -7.99
N GLN B 261 24.92 -8.12 -8.72
CA GLN B 261 25.60 -9.38 -8.97
C GLN B 261 26.93 -9.16 -9.69
N ALA B 262 26.93 -8.30 -10.70
CA ALA B 262 28.14 -8.01 -11.46
C ALA B 262 29.25 -7.50 -10.58
N VAL B 263 28.90 -6.62 -9.66
CA VAL B 263 29.88 -6.01 -8.79
C VAL B 263 30.44 -7.02 -7.81
N ASP B 264 29.59 -7.93 -7.30
CA ASP B 264 30.07 -8.98 -6.41
C ASP B 264 30.95 -9.98 -7.14
N LYS B 265 30.64 -10.22 -8.41
CA LYS B 265 31.51 -11.08 -9.23
C LYS B 265 32.89 -10.45 -9.36
N ILE B 266 32.92 -9.15 -9.63
CA ILE B 266 34.20 -8.44 -9.78
C ILE B 266 34.99 -8.39 -8.47
N LYS B 267 34.31 -8.13 -7.37
CA LYS B 267 35.00 -8.00 -6.08
C LYS B 267 35.49 -9.31 -5.53
N SER B 268 34.70 -10.37 -5.63
CA SER B 268 35.00 -11.60 -4.89
C SER B 268 34.88 -12.90 -5.69
N GLY B 269 34.50 -12.80 -6.96
CA GLY B 269 34.27 -13.99 -7.74
C GLY B 269 32.96 -14.70 -7.47
N ALA B 270 32.05 -14.03 -6.75
CA ALA B 270 30.74 -14.62 -6.47
C ALA B 270 30.04 -14.98 -7.76
N ALA B 271 29.37 -16.13 -7.76
CA ALA B 271 28.72 -16.64 -8.96
C ALA B 271 27.52 -15.79 -9.33
N LEU B 272 27.32 -15.63 -10.63
CA LEU B 272 26.10 -15.01 -11.15
C LEU B 272 24.97 -16.03 -11.12
N LYS B 273 23.79 -15.58 -10.73
CA LYS B 273 22.65 -16.46 -10.49
C LYS B 273 21.36 -15.92 -11.13
N SER B 274 20.51 -16.79 -11.63
CA SER B 274 19.24 -16.34 -12.18
C SER B 274 18.27 -15.90 -11.09
N VAL B 275 17.50 -14.85 -11.40
CA VAL B 275 16.47 -14.35 -10.52
C VAL B 275 15.28 -14.05 -11.38
N SER B 276 14.14 -14.62 -11.01
CA SER B 276 12.88 -14.34 -11.69
CA SER B 276 12.89 -14.32 -11.70
C SER B 276 11.99 -13.55 -10.76
N LEU B 277 11.51 -12.41 -11.22
CA LEU B 277 10.62 -11.55 -10.44
C LEU B 277 9.17 -11.79 -10.81
N LYS B 278 8.31 -11.85 -9.80
CA LYS B 278 6.88 -12.07 -10.02
C LYS B 278 6.21 -10.77 -10.46
N PRO B 279 5.55 -10.79 -11.64
CA PRO B 279 4.83 -9.60 -12.09
C PRO B 279 3.47 -9.47 -11.39
N VAL B 280 2.91 -8.27 -11.45
CA VAL B 280 1.62 -8.00 -10.82
C VAL B 280 0.73 -7.24 -11.80
N LEU B 281 -0.49 -7.71 -12.01
CA LEU B 281 -1.45 -6.95 -12.83
C LEU B 281 -1.84 -5.68 -12.07
N ILE B 282 -1.78 -4.55 -12.79
CA ILE B 282 -2.10 -3.23 -12.24
C ILE B 282 -3.39 -2.74 -12.86
N THR B 283 -4.38 -2.48 -12.00
CA THR B 283 -5.66 -1.89 -12.40
C THR B 283 -5.89 -0.65 -11.55
N SER B 284 -7.06 -0.05 -11.70
CA SER B 284 -7.41 1.10 -10.85
C SER B 284 -7.51 0.70 -9.37
N GLY B 285 -7.60 -0.60 -9.08
CA GLY B 285 -7.59 -1.08 -7.72
C GLY B 285 -6.23 -1.15 -7.01
N ASN B 286 -5.12 -1.04 -7.75
CA ASN B 286 -3.80 -1.16 -7.12
C ASN B 286 -2.70 -0.36 -7.82
N LEU B 287 -3.02 0.85 -8.21
CA LEU B 287 -2.05 1.69 -8.93
C LEU B 287 -0.77 1.90 -8.15
N THR B 288 -0.83 1.94 -6.82
CA THR B 288 0.39 2.21 -6.04
C THR B 288 1.29 0.96 -5.92
N GLU B 289 0.84 -0.15 -6.47
CA GLU B 289 1.72 -1.32 -6.57
C GLU B 289 2.65 -1.19 -7.78
N ALA B 290 2.44 -0.16 -8.60
CA ALA B 290 3.36 0.13 -9.72
C ALA B 290 4.61 0.82 -9.19
N SER B 291 5.80 0.36 -9.61
CA SER B 291 7.04 0.92 -9.10
C SER B 291 7.25 2.38 -9.47
N ARG B 292 6.70 2.80 -10.60
CA ARG B 292 6.88 4.18 -11.09
C ARG B 292 5.68 5.09 -10.86
N ILE B 293 4.83 4.71 -9.91
CA ILE B 293 3.64 5.49 -9.61
C ILE B 293 3.94 6.96 -9.26
N GLY B 294 5.08 7.19 -8.62
CA GLY B 294 5.48 8.54 -8.25
C GLY B 294 5.73 9.44 -9.45
N GLU B 295 5.90 8.84 -10.63
CA GLU B 295 6.08 9.63 -11.85
C GLU B 295 4.76 9.99 -12.54
N MSE B 296 3.64 9.44 -12.07
CA MSE B 296 2.36 9.73 -12.73
C MSE B 296 1.86 11.07 -12.22
O MSE B 296 1.68 11.21 -11.02
CB MSE B 296 1.34 8.63 -12.42
CG MSE B 296 -0.05 8.85 -13.05
SE MSE B 296 -1.41 7.72 -12.28
CE MSE B 296 -1.58 8.51 -10.50
C1 INS C . -9.63 5.49 21.99
C2 INS C . -9.27 4.19 21.36
C3 INS C . -10.24 3.13 21.82
C4 INS C . -11.63 3.49 21.42
C5 INS C . -12.03 4.76 22.07
C6 INS C . -11.08 5.87 21.74
O1 INS C . -8.77 6.50 21.56
O2 INS C . -9.29 4.33 19.97
O3 INS C . -9.87 1.87 21.32
O4 INS C . -12.51 2.47 21.72
O5 INS C . -13.34 5.08 21.68
O6 INS C . -11.46 7.09 22.33
C1 INS D . 10.32 -5.53 -22.09
C2 INS D . 9.31 -4.42 -22.13
C3 INS D . 9.44 -3.60 -23.38
C4 INS D . 9.24 -4.45 -24.61
C5 INS D . 10.24 -5.57 -24.61
C6 INS D . 10.20 -6.37 -23.33
O1 INS D . 10.13 -6.33 -20.95
O2 INS D . 8.02 -4.94 -22.06
O3 INS D . 8.57 -2.53 -23.36
O4 INS D . 9.35 -3.68 -25.78
O5 INS D . 10.12 -6.38 -25.73
O6 INS D . 11.12 -7.44 -23.33
#